data_7S8O
#
_entry.id   7S8O
#
_cell.length_a   1.00
_cell.length_b   1.00
_cell.length_c   1.00
_cell.angle_alpha   90.00
_cell.angle_beta   90.00
_cell.angle_gamma   90.00
#
_symmetry.space_group_name_H-M   'P 1'
#
loop_
_entity.id
_entity.type
_entity.pdbx_description
1 polymer 'Soluble cytochrome b562,Mas-related G-protein coupled receptor member X2 chimera'
2 polymer 'Guanine nucleotide-binding protein G(i) subunit alpha-1'
3 polymer 'Guanine nucleotide-binding protein G(I)/G(S)/G(T) subunit beta-1'
4 polymer 'Guanine nucleotide-binding protein G(I)/G(S)/G(O) subunit gamma-2'
5 polymer scFv16
6 non-polymer (3R)-N,N-dimethyl-1-[(8S)-5-phenylpyrazolo[1,5-a]pyrimidin-7-yl]pyrrolidin-3-amine
#
loop_
_entity_poly.entity_id
_entity_poly.type
_entity_poly.pdbx_seq_one_letter_code
_entity_poly.pdbx_strand_id
1 'polypeptide(L)'
;DYKDDDDAKLQTMHHHHHHHHHHENLYFQGGTTMADLEDNWETLNDNLKVIEKADNAAQVKDALTKMRAAALDAQKATPP
KLEDKSPDSPEMKDFRHGFDILVGQIDDALKLANEGKVKEAQAAAEQLKTTRNAYIQKYLGSTLEVLFQGPDPTTPAWGT
ESTTVNGNDQALLLLCGKETLIPVFLILFIALVGLVGNGFVLWLLGFRMRRNAFSVYVLSLAGADFLFLCFQIINCLVYL
SNFFCSISINFPSFFTTVMTCAYLAGLSMLSTVSTERCLSVLWPIWYRCRRPRHLSAVVCVLLWALSLLLSILEGKFCGF
LFSDGDSGWCQTFDFITAAWLIFLFMVLCGSSLALLVRILCGSRGLPLTRLYLTILLTVLVFLLCGLPFGIQWFLILWIW
KDSDVLFCHIHPVSVVLSSLNSSANPIIYFFVGSFRKQWRLQQPILKLALQRALQDIAEVDHSEGCFRQGTPEMSRSSLV
;
R
2 'polypeptide(L)'
;MGCTLSAEDKAAVERSKMIDRNLREDGEKAAREVKLLLLGAGESGKNTIVKQMKIIHEAGYSEEECKQYKAVVYSNTIQS
IIAIIRAMGRLKIDFGDSARADDARQLFVLAGAAEEGFMTAELAGVIKRLWKDSGVQACFNRSREYQLNDSAAYYLNDLD
RIAQPNYIPTQQDVLRTRVKTTGIVETHFTFKDLHFKMFDVGAQRSERKKWIHCFEGVTAIIFCVALSDYDLVLAEDEEM
NRMHASMKLFDSICNNKWFTDTSIILFLNKKDLFEEKIKKSPLTICYPEYAGSNTYEEAAAYIQCQFEDLNKRKDTKEIY
THFTCSTDTKNVQFVFDAVTDVIIKNNLKDCGLF
;
B
3 'polypeptide(L)'
;MHHHHHHLEVLFQGPGSSGSELDQLRQEAEQLKNQIRDARKACADATLSQITNNIDPVGRIQMRTRRTLRGHLAKIYAMH
WGTDSRLLVSASQDGKLIIWDSYTTNKVHAIPLRSSWVMTCAYAPSGNYVACGGLDNICSIYNLKTREGNVRVSRELAGH
TGYLSCCRFLDDNQIVTSSGDTTCALWDIETGQQTTTFTGHTGDVMSLSLAPDTRLFVSGACDASAKLWDVREGMCRQTF
TGHESDINAICFFPNGNAFATGSDDATCRLFDLRADQELMTYSHDNIICGITSVSFSKSGRLLLAGYDDFNCNVWDALKA
DRAGVLAGHDNRVSCLGVTDDGMAVATGSWDSFLKIWN
;
C
4 'polypeptide(L)' MASNNTASIAQARKLVEQLKMEANIDRIKVSKAAADLMAYCEAHAKEDPLLTPVPASENPFREKKFFCAIL D
5 'polypeptide(L)'
;DVQLVESGGGLVQPGGSRKLSCSASGFAFSSFGMHWVRQAPEKGLEWVAYISSGSGTIYYADTVKGRFTISRDDPKNTLF
LQMTSLRSEDTAMYYCVRSIYYYGSSPFDFWGQGTTLTVSSGGGGSGGGGSGGGGSDIVMTQATSSVPVTPGESVSISCR
SSKSLLHSNGNTYLYWFLQRPGQSPQLLIYRMSNLASGVPDRFSGSGSGTAFTLTISRLEAEDVGVYYCMQHLEYPLTFG
AGTKLELKAAALEVLFQGPHHHHHHHH
;
E
#
loop_
_chem_comp.id
_chem_comp.type
_chem_comp.name
_chem_comp.formula
8IU non-polymer (3R)-N,N-dimethyl-1-[(8S)-5-phenylpyrazolo[1,5-a]pyrimidin-7-yl]pyrrolidin-3-amine 'C18 H21 N5'
#
# COMPACT_ATOMS: atom_id res chain seq x y z
N GLY A 177 50.16 -33.06 -19.00
CA GLY A 177 49.02 -33.63 -19.67
C GLY A 177 48.61 -34.98 -19.12
N LYS A 178 49.22 -35.36 -17.99
CA LYS A 178 48.92 -36.64 -17.36
C LYS A 178 48.64 -36.54 -15.87
N GLU A 179 49.18 -35.55 -15.18
CA GLU A 179 48.95 -35.38 -13.74
C GLU A 179 47.84 -34.37 -13.44
N THR A 180 47.21 -33.79 -14.45
CA THR A 180 46.19 -32.77 -14.26
C THR A 180 44.79 -33.30 -14.58
N LEU A 181 44.58 -34.60 -14.40
CA LEU A 181 43.27 -35.18 -14.71
C LEU A 181 42.23 -34.83 -13.66
N ILE A 182 42.62 -34.79 -12.40
CA ILE A 182 41.71 -34.54 -11.28
C ILE A 182 41.36 -33.06 -11.12
N PRO A 183 42.31 -32.12 -11.20
CA PRO A 183 41.94 -30.71 -10.99
C PRO A 183 40.89 -30.19 -11.96
N VAL A 184 40.92 -30.63 -13.21
CA VAL A 184 39.93 -30.15 -14.17
C VAL A 184 38.54 -30.68 -13.82
N PHE A 185 38.47 -31.93 -13.37
CA PHE A 185 37.19 -32.46 -12.91
C PHE A 185 36.68 -31.70 -11.70
N LEU A 186 37.57 -31.37 -10.75
CA LEU A 186 37.14 -30.59 -9.60
C LEU A 186 36.65 -29.21 -10.02
N ILE A 187 37.34 -28.57 -10.95
CA ILE A 187 36.90 -27.26 -11.43
C ILE A 187 35.52 -27.34 -12.04
N LEU A 188 35.29 -28.34 -12.89
CA LEU A 188 33.97 -28.51 -13.50
C LEU A 188 32.91 -28.75 -12.43
N PHE A 189 33.19 -29.63 -11.47
CA PHE A 189 32.20 -29.98 -10.47
C PHE A 189 31.83 -28.80 -9.58
N ILE A 190 32.84 -28.02 -9.14
CA ILE A 190 32.56 -26.89 -8.25
C ILE A 190 32.14 -25.64 -9.01
N ALA A 191 32.27 -25.62 -10.33
CA ALA A 191 31.75 -24.51 -11.10
C ALA A 191 30.34 -24.74 -11.57
N LEU A 192 29.92 -25.99 -11.76
CA LEU A 192 28.53 -26.26 -12.12
C LEU A 192 27.59 -25.85 -11.00
N VAL A 193 28.01 -26.01 -9.75
CA VAL A 193 27.16 -25.67 -8.60
C VAL A 193 26.90 -24.16 -8.56
N GLY A 194 27.94 -23.36 -8.77
CA GLY A 194 27.81 -21.92 -8.57
C GLY A 194 26.83 -21.27 -9.52
N LEU A 195 26.71 -21.78 -10.75
CA LEU A 195 25.78 -21.21 -11.71
C LEU A 195 24.35 -21.25 -11.19
N VAL A 196 23.98 -22.36 -10.54
CA VAL A 196 22.62 -22.49 -10.02
C VAL A 196 22.35 -21.43 -8.97
N GLY A 197 23.27 -21.28 -8.02
CA GLY A 197 23.08 -20.29 -6.97
C GLY A 197 23.02 -18.87 -7.49
N ASN A 198 23.92 -18.52 -8.40
CA ASN A 198 23.93 -17.15 -8.91
C ASN A 198 22.71 -16.87 -9.78
N GLY A 199 22.27 -17.86 -10.56
CA GLY A 199 21.04 -17.68 -11.32
C GLY A 199 19.84 -17.51 -10.42
N PHE A 200 19.77 -18.29 -9.34
CA PHE A 200 18.69 -18.13 -8.37
C PHE A 200 18.72 -16.73 -7.77
N VAL A 201 19.92 -16.23 -7.42
CA VAL A 201 20.03 -14.91 -6.84
C VAL A 201 19.56 -13.85 -7.82
N LEU A 202 19.99 -13.94 -9.07
CA LEU A 202 19.58 -12.97 -10.08
C LEU A 202 18.06 -12.98 -10.27
N TRP A 203 17.47 -14.17 -10.36
CA TRP A 203 16.02 -14.26 -10.54
C TRP A 203 15.27 -13.72 -9.34
N LEU A 204 15.69 -14.08 -8.13
CA LEU A 204 15.00 -13.64 -6.92
C LEU A 204 15.07 -12.13 -6.76
N LEU A 205 16.25 -11.54 -7.02
CA LEU A 205 16.36 -10.09 -6.89
C LEU A 205 15.71 -9.35 -8.05
N GLY A 206 15.51 -10.01 -9.19
CA GLY A 206 14.92 -9.33 -10.33
C GLY A 206 13.47 -8.96 -10.11
N PHE A 207 12.65 -9.95 -9.74
CA PHE A 207 11.22 -9.70 -9.59
C PHE A 207 10.68 -10.21 -8.26
N ARG A 208 11.27 -11.29 -7.74
CA ARG A 208 10.67 -12.00 -6.61
C ARG A 208 10.63 -11.13 -5.36
N MET A 209 11.72 -10.42 -5.06
CA MET A 209 11.84 -9.65 -3.83
C MET A 209 12.02 -8.16 -4.14
N ARG A 210 12.09 -7.38 -3.08
CA ARG A 210 12.26 -5.93 -3.17
C ARG A 210 13.74 -5.57 -3.15
N ARG A 211 14.01 -4.28 -3.33
CA ARG A 211 15.39 -3.79 -3.44
C ARG A 211 15.57 -2.55 -2.56
N ASN A 212 16.71 -2.52 -1.86
CA ASN A 212 17.15 -1.35 -1.11
C ASN A 212 18.48 -0.87 -1.68
N ALA A 213 19.10 0.09 -1.00
CA ALA A 213 20.36 0.67 -1.47
C ALA A 213 21.52 -0.31 -1.42
N PHE A 214 21.36 -1.45 -0.76
CA PHE A 214 22.44 -2.42 -0.64
C PHE A 214 22.32 -3.58 -1.62
N SER A 215 21.14 -3.81 -2.20
CA SER A 215 20.95 -4.94 -3.10
C SER A 215 21.73 -4.78 -4.40
N VAL A 216 21.97 -3.55 -4.85
CA VAL A 216 22.67 -3.31 -6.10
C VAL A 216 24.03 -4.01 -6.11
N TYR A 217 24.74 -3.94 -4.97
CA TYR A 217 26.05 -4.56 -4.89
C TYR A 217 25.95 -6.07 -5.05
N VAL A 218 24.92 -6.68 -4.45
CA VAL A 218 24.75 -8.13 -4.58
C VAL A 218 24.44 -8.51 -6.02
N LEU A 219 23.59 -7.73 -6.70
CA LEU A 219 23.32 -8.01 -8.12
C LEU A 219 24.60 -7.93 -8.95
N SER A 220 25.39 -6.87 -8.75
CA SER A 220 26.60 -6.71 -9.55
C SER A 220 27.58 -7.85 -9.28
N LEU A 221 27.73 -8.24 -8.02
CA LEU A 221 28.60 -9.35 -7.68
C LEU A 221 28.15 -10.63 -8.36
N ALA A 222 26.84 -10.91 -8.32
CA ALA A 222 26.33 -12.13 -8.92
C ALA A 222 26.56 -12.16 -10.42
N GLY A 223 26.35 -11.03 -11.09
CA GLY A 223 26.59 -10.98 -12.53
C GLY A 223 28.05 -11.24 -12.90
N ALA A 224 28.97 -10.55 -12.22
CA ALA A 224 30.38 -10.76 -12.51
C ALA A 224 30.79 -12.20 -12.24
N ASP A 225 30.29 -12.76 -11.14
CA ASP A 225 30.63 -14.13 -10.77
C ASP A 225 30.11 -15.11 -11.82
N PHE A 226 28.89 -14.88 -12.31
CA PHE A 226 28.31 -15.73 -13.33
C PHE A 226 29.15 -15.74 -14.60
N LEU A 227 29.55 -14.56 -15.07
CA LEU A 227 30.38 -14.51 -16.28
C LEU A 227 31.67 -15.29 -16.10
N PHE A 228 32.36 -15.06 -14.98
CA PHE A 228 33.62 -15.75 -14.73
C PHE A 228 33.43 -17.26 -14.75
N LEU A 229 32.40 -17.75 -14.05
CA LEU A 229 32.19 -19.19 -13.95
C LEU A 229 31.84 -19.80 -15.30
N CYS A 230 31.03 -19.09 -16.10
CA CYS A 230 30.67 -19.60 -17.42
C CYS A 230 31.90 -19.75 -18.30
N PHE A 231 32.78 -18.76 -18.29
CA PHE A 231 33.99 -18.86 -19.09
C PHE A 231 34.88 -20.01 -18.62
N GLN A 232 34.96 -20.22 -17.31
CA GLN A 232 35.71 -21.37 -16.81
C GLN A 232 35.13 -22.68 -17.32
N ILE A 233 33.81 -22.81 -17.31
CA ILE A 233 33.17 -24.03 -17.79
C ILE A 233 33.45 -24.25 -19.27
N ILE A 234 33.39 -23.18 -20.06
CA ILE A 234 33.65 -23.31 -21.50
C ILE A 234 35.07 -23.82 -21.74
N ASN A 235 36.06 -23.24 -21.04
CA ASN A 235 37.43 -23.71 -21.24
C ASN A 235 37.59 -25.16 -20.81
N CYS A 236 36.96 -25.55 -19.70
CA CYS A 236 37.07 -26.93 -19.24
C CYS A 236 36.51 -27.90 -20.28
N LEU A 237 35.34 -27.57 -20.83
CA LEU A 237 34.73 -28.44 -21.85
C LEU A 237 35.59 -28.50 -23.11
N VAL A 238 36.16 -27.36 -23.53
CA VAL A 238 37.00 -27.37 -24.72
C VAL A 238 38.21 -28.27 -24.51
N TYR A 239 38.85 -28.18 -23.35
CA TYR A 239 39.98 -29.05 -23.08
C TYR A 239 39.57 -30.51 -23.08
N LEU A 240 38.46 -30.84 -22.42
CA LEU A 240 38.06 -32.24 -22.35
C LEU A 240 37.72 -32.80 -23.73
N SER A 241 37.02 -32.01 -24.56
CA SER A 241 36.68 -32.46 -25.91
C SER A 241 37.94 -32.63 -26.75
N ASN A 242 38.89 -31.69 -26.66
CA ASN A 242 40.13 -31.81 -27.41
C ASN A 242 41.05 -32.87 -26.84
N PHE A 243 40.75 -33.42 -25.65
CA PHE A 243 41.54 -34.53 -25.15
C PHE A 243 40.94 -35.88 -25.52
N PHE A 244 39.72 -36.15 -25.07
CA PHE A 244 39.13 -37.47 -25.29
C PHE A 244 38.71 -37.67 -26.74
N CYS A 245 38.40 -36.59 -27.46
CA CYS A 245 37.90 -36.60 -28.82
C CYS A 245 38.79 -35.72 -29.70
N SER A 246 40.09 -36.00 -29.66
CA SER A 246 41.17 -35.08 -30.01
C SER A 246 40.85 -34.13 -31.17
N ILE A 247 40.12 -34.61 -32.18
CA ILE A 247 39.71 -33.74 -33.28
C ILE A 247 38.65 -32.78 -32.74
N SER A 248 39.04 -31.53 -32.52
CA SER A 248 38.15 -30.54 -31.90
C SER A 248 38.49 -29.17 -32.46
N ILE A 249 38.03 -28.12 -31.77
CA ILE A 249 38.20 -26.75 -32.22
C ILE A 249 39.08 -26.00 -31.23
N ASN A 250 39.31 -24.71 -31.49
CA ASN A 250 40.14 -23.86 -30.66
C ASN A 250 39.32 -22.73 -30.07
N PHE A 251 39.57 -22.43 -28.80
CA PHE A 251 38.89 -21.34 -28.11
C PHE A 251 39.55 -20.01 -28.49
N PRO A 252 38.78 -19.02 -28.95
CA PRO A 252 39.40 -17.75 -29.35
C PRO A 252 40.05 -17.03 -28.18
N SER A 253 41.13 -16.31 -28.47
CA SER A 253 41.90 -15.66 -27.42
C SER A 253 41.16 -14.49 -26.80
N PHE A 254 40.37 -13.77 -27.61
CA PHE A 254 39.66 -12.59 -27.11
C PHE A 254 38.82 -12.90 -25.88
N PHE A 255 38.19 -14.08 -25.85
CA PHE A 255 37.35 -14.45 -24.72
C PHE A 255 38.12 -14.32 -23.41
N THR A 256 39.40 -14.69 -23.41
CA THR A 256 40.23 -14.60 -22.21
C THR A 256 40.12 -13.21 -21.58
N THR A 257 40.26 -12.17 -22.40
CA THR A 257 40.22 -10.81 -21.87
C THR A 257 38.95 -10.59 -21.07
N VAL A 258 37.79 -11.00 -21.62
CA VAL A 258 36.52 -10.79 -20.93
C VAL A 258 36.57 -11.41 -19.55
N MET A 259 37.09 -12.64 -19.45
CA MET A 259 37.19 -13.30 -18.15
C MET A 259 37.90 -12.41 -17.15
N THR A 260 39.07 -11.87 -17.53
CA THR A 260 39.82 -11.00 -16.63
C THR A 260 38.93 -9.89 -16.08
N CYS A 261 38.18 -9.23 -16.96
CA CYS A 261 37.34 -8.12 -16.53
C CYS A 261 36.46 -8.55 -15.36
N ALA A 262 35.73 -9.65 -15.55
CA ALA A 262 34.84 -10.13 -14.49
C ALA A 262 35.59 -10.26 -13.18
N TYR A 263 36.74 -10.93 -13.22
CA TYR A 263 37.51 -11.15 -12.01
C TYR A 263 37.74 -9.85 -11.26
N LEU A 264 38.24 -8.83 -11.96
CA LEU A 264 38.55 -7.58 -11.29
C LEU A 264 37.30 -6.95 -10.70
N ALA A 265 36.20 -6.93 -11.48
CA ALA A 265 34.97 -6.38 -10.95
C ALA A 265 34.51 -7.17 -9.74
N GLY A 266 34.67 -8.49 -9.80
CA GLY A 266 34.31 -9.32 -8.66
C GLY A 266 35.09 -8.98 -7.42
N LEU A 267 36.32 -8.49 -7.57
CA LEU A 267 37.08 -8.11 -6.39
C LEU A 267 36.80 -6.71 -5.92
N SER A 268 36.11 -5.90 -6.71
CA SER A 268 35.86 -4.53 -6.29
C SER A 268 34.66 -4.44 -5.37
N MET A 269 33.55 -5.08 -5.77
CA MET A 269 32.30 -4.99 -5.02
C MET A 269 32.50 -5.34 -3.55
N LEU A 270 33.20 -6.45 -3.29
CA LEU A 270 33.44 -6.86 -1.90
C LEU A 270 34.02 -5.72 -1.08
N SER A 271 35.07 -5.08 -1.58
CA SER A 271 35.66 -3.98 -0.84
C SER A 271 34.63 -2.88 -0.60
N THR A 272 33.90 -2.51 -1.64
CA THR A 272 32.83 -1.52 -1.49
C THR A 272 31.87 -1.91 -0.38
N VAL A 273 31.44 -3.18 -0.38
CA VAL A 273 30.49 -3.62 0.64
C VAL A 273 31.05 -3.34 2.02
N SER A 274 32.30 -3.75 2.26
CA SER A 274 32.90 -3.54 3.57
C SER A 274 32.86 -2.06 3.94
N THR A 275 33.26 -1.19 3.02
CA THR A 275 33.30 0.23 3.32
C THR A 275 31.94 0.72 3.78
N GLU A 276 30.88 0.32 3.06
CA GLU A 276 29.54 0.76 3.43
C GLU A 276 29.25 0.43 4.88
N ARG A 277 29.52 -0.81 5.29
CA ARG A 277 29.20 -1.21 6.64
C ARG A 277 29.90 -0.32 7.64
N CYS A 278 31.19 -0.05 7.41
CA CYS A 278 31.93 0.80 8.33
C CYS A 278 31.25 2.15 8.49
N LEU A 279 30.87 2.76 7.37
CA LEU A 279 30.23 4.07 7.45
C LEU A 279 28.96 4.00 8.27
N SER A 280 28.15 2.96 8.06
CA SER A 280 26.87 2.87 8.73
C SER A 280 27.01 2.75 10.24
N VAL A 281 28.22 2.61 10.75
CA VAL A 281 28.44 2.60 12.19
C VAL A 281 29.19 3.83 12.66
N LEU A 282 30.03 4.44 11.83
CA LEU A 282 30.77 5.61 12.23
C LEU A 282 30.00 6.90 12.02
N TRP A 283 28.91 6.86 11.27
CA TRP A 283 28.09 8.04 11.00
C TRP A 283 26.66 7.59 10.76
N PRO A 284 25.92 7.26 11.82
CA PRO A 284 24.60 6.65 11.63
C PRO A 284 23.53 7.63 11.15
N ILE A 285 23.50 8.84 11.71
CA ILE A 285 22.47 9.82 11.34
C ILE A 285 22.61 10.20 9.87
N TRP A 286 23.84 10.44 9.41
CA TRP A 286 24.07 10.76 8.01
C TRP A 286 23.62 9.62 7.10
N TYR A 287 23.93 8.38 7.50
CA TYR A 287 23.53 7.25 6.69
C TYR A 287 22.02 7.10 6.61
N ARG A 288 21.33 7.37 7.72
CA ARG A 288 19.88 7.17 7.73
C ARG A 288 19.14 8.30 7.02
N CYS A 289 19.61 9.54 7.14
CA CYS A 289 18.84 10.69 6.69
C CYS A 289 19.42 11.39 5.46
N ARG A 290 20.70 11.73 5.48
CA ARG A 290 21.28 12.62 4.48
C ARG A 290 21.90 11.89 3.30
N ARG A 291 21.81 10.57 3.24
CA ARG A 291 22.48 9.83 2.18
C ARG A 291 21.74 10.01 0.86
N PRO A 292 22.44 10.14 -0.26
CA PRO A 292 21.78 10.22 -1.56
C PRO A 292 21.15 8.88 -1.93
N ARG A 293 20.30 8.92 -2.96
CA ARG A 293 19.53 7.75 -3.36
C ARG A 293 20.14 6.98 -4.51
N HIS A 294 21.01 7.60 -5.32
CA HIS A 294 21.58 6.96 -6.49
C HIS A 294 23.09 6.76 -6.38
N LEU A 295 23.62 6.67 -5.16
CA LEU A 295 25.05 6.45 -5.00
C LEU A 295 25.47 5.07 -5.46
N SER A 296 24.64 4.06 -5.19
CA SER A 296 25.00 2.68 -5.51
C SER A 296 25.20 2.51 -7.02
N ALA A 297 24.28 3.04 -7.81
CA ALA A 297 24.38 2.91 -9.26
C ALA A 297 25.61 3.61 -9.80
N VAL A 298 25.88 4.82 -9.30
CA VAL A 298 27.05 5.56 -9.75
C VAL A 298 28.33 4.77 -9.47
N VAL A 299 28.45 4.24 -8.25
CA VAL A 299 29.67 3.52 -7.88
C VAL A 299 29.81 2.26 -8.71
N CYS A 300 28.73 1.50 -8.89
CA CYS A 300 28.81 0.27 -9.67
C CYS A 300 29.21 0.55 -11.12
N VAL A 301 28.60 1.58 -11.73
CA VAL A 301 28.94 1.90 -13.11
C VAL A 301 30.41 2.31 -13.23
N LEU A 302 30.88 3.13 -12.29
CA LEU A 302 32.27 3.56 -12.36
C LEU A 302 33.23 2.37 -12.21
N LEU A 303 32.94 1.46 -11.28
CA LEU A 303 33.83 0.34 -11.06
C LEU A 303 33.87 -0.60 -12.26
N TRP A 304 32.70 -0.90 -12.83
CA TRP A 304 32.68 -1.72 -14.04
C TRP A 304 33.43 -1.05 -15.18
N ALA A 305 33.25 0.27 -15.35
CA ALA A 305 33.91 0.97 -16.44
C ALA A 305 35.42 0.93 -16.30
N LEU A 306 35.93 1.17 -15.09
CA LEU A 306 37.37 1.13 -14.88
C LEU A 306 37.92 -0.27 -15.11
N SER A 307 37.21 -1.29 -14.64
CA SER A 307 37.67 -2.66 -14.87
C SER A 307 37.73 -2.98 -16.36
N LEU A 308 36.71 -2.57 -17.11
CA LEU A 308 36.70 -2.81 -18.55
C LEU A 308 37.86 -2.09 -19.24
N LEU A 309 38.11 -0.84 -18.85
CA LEU A 309 39.20 -0.08 -19.44
C LEU A 309 40.53 -0.79 -19.22
N LEU A 310 40.79 -1.22 -17.98
CA LEU A 310 42.05 -1.87 -17.68
C LEU A 310 42.18 -3.19 -18.42
N SER A 311 41.10 -3.96 -18.52
CA SER A 311 41.16 -5.24 -19.22
C SER A 311 41.44 -5.04 -20.71
N ILE A 312 40.82 -4.02 -21.32
CA ILE A 312 41.04 -3.77 -22.74
C ILE A 312 42.46 -3.31 -23.01
N LEU A 313 42.97 -2.38 -22.19
CA LEU A 313 44.38 -2.02 -22.39
C LEU A 313 45.32 -3.12 -22.05
N GLU A 314 45.00 -4.12 -21.23
CA GLU A 314 45.85 -5.29 -21.10
C GLU A 314 45.80 -6.16 -22.34
N GLY A 315 44.61 -6.43 -22.86
CA GLY A 315 44.48 -7.33 -23.99
C GLY A 315 45.10 -6.77 -25.26
N LYS A 316 44.88 -5.49 -25.53
CA LYS A 316 45.34 -4.88 -26.78
C LYS A 316 46.86 -4.86 -26.89
N PHE A 317 47.55 -4.50 -25.81
CA PHE A 317 48.99 -4.30 -25.84
C PHE A 317 49.74 -5.60 -25.58
N CYS A 318 49.03 -6.72 -25.41
CA CYS A 318 49.71 -7.95 -25.06
C CYS A 318 49.18 -9.18 -25.80
N GLY A 319 48.59 -9.00 -26.98
CA GLY A 319 48.41 -10.06 -27.94
C GLY A 319 47.09 -10.80 -27.87
N PHE A 320 46.30 -10.60 -26.82
CA PHE A 320 45.02 -11.30 -26.73
C PHE A 320 44.03 -10.80 -27.77
N LEU A 321 44.03 -9.50 -28.04
CA LEU A 321 43.19 -8.93 -29.06
C LEU A 321 43.83 -9.13 -30.44
N PHE A 322 43.03 -8.93 -31.48
CA PHE A 322 43.49 -9.13 -32.86
C PHE A 322 44.38 -7.96 -33.26
N SER A 323 45.64 -8.04 -32.85
CA SER A 323 46.64 -7.02 -33.15
C SER A 323 48.02 -7.59 -32.82
N ASP A 324 49.02 -6.71 -32.85
CA ASP A 324 50.41 -7.11 -32.61
C ASP A 324 50.82 -6.74 -31.20
N GLY A 325 51.61 -7.60 -30.58
CA GLY A 325 51.98 -7.45 -29.20
C GLY A 325 53.21 -6.59 -28.97
N ASP A 326 53.67 -6.61 -27.72
CA ASP A 326 54.87 -5.91 -27.30
C ASP A 326 55.29 -6.49 -25.96
N SER A 327 56.54 -6.23 -25.57
CA SER A 327 57.08 -6.80 -24.34
C SER A 327 56.97 -5.86 -23.15
N GLY A 328 57.51 -4.65 -23.26
CA GLY A 328 57.55 -3.76 -22.11
C GLY A 328 56.16 -3.33 -21.64
N TRP A 329 55.27 -3.01 -22.57
CA TRP A 329 53.97 -2.49 -22.19
C TRP A 329 53.11 -3.56 -21.50
N CYS A 330 53.24 -4.81 -21.91
CA CYS A 330 52.51 -5.86 -21.22
C CYS A 330 52.93 -5.95 -19.75
N GLN A 331 54.24 -5.90 -19.49
CA GLN A 331 54.69 -5.91 -18.09
C GLN A 331 54.20 -4.69 -17.34
N THR A 332 54.23 -3.51 -17.97
CA THR A 332 53.81 -2.30 -17.27
C THR A 332 52.36 -2.41 -16.84
N PHE A 333 51.48 -2.84 -17.75
CA PHE A 333 50.07 -2.92 -17.40
C PHE A 333 49.80 -4.04 -16.40
N ASP A 334 50.53 -5.15 -16.51
CA ASP A 334 50.37 -6.22 -15.53
C ASP A 334 50.74 -5.75 -14.13
N PHE A 335 51.82 -4.98 -14.02
CA PHE A 335 52.22 -4.45 -12.72
C PHE A 335 51.21 -3.47 -12.17
N ILE A 336 50.64 -2.62 -13.04
CA ILE A 336 49.57 -1.72 -12.59
C ILE A 336 48.39 -2.50 -12.04
N THR A 337 48.03 -3.60 -12.70
CA THR A 337 46.91 -4.42 -12.21
C THR A 337 47.22 -5.03 -10.84
N ALA A 338 48.45 -5.51 -10.66
CA ALA A 338 48.83 -6.06 -9.34
C ALA A 338 48.75 -4.99 -8.26
N ALA A 339 49.19 -3.77 -8.57
CA ALA A 339 49.06 -2.67 -7.62
C ALA A 339 47.60 -2.41 -7.26
N TRP A 340 46.71 -2.47 -8.25
CA TRP A 340 45.29 -2.28 -7.99
C TRP A 340 44.75 -3.33 -7.01
N LEU A 341 45.14 -4.59 -7.22
CA LEU A 341 44.69 -5.65 -6.32
C LEU A 341 45.17 -5.41 -4.88
N ILE A 342 46.45 -5.02 -4.73
CA ILE A 342 46.98 -4.80 -3.39
C ILE A 342 46.25 -3.65 -2.70
N PHE A 343 45.95 -2.58 -3.45
CA PHE A 343 45.19 -1.48 -2.88
C PHE A 343 43.82 -1.93 -2.41
N LEU A 344 43.15 -2.78 -3.18
CA LEU A 344 41.84 -3.29 -2.78
C LEU A 344 41.93 -4.04 -1.46
N PHE A 345 42.93 -4.91 -1.33
CA PHE A 345 43.10 -5.66 -0.08
C PHE A 345 43.30 -4.73 1.11
N MET A 346 44.14 -3.71 0.95
CA MET A 346 44.40 -2.80 2.05
C MET A 346 43.14 -2.04 2.46
N VAL A 347 42.33 -1.62 1.49
CA VAL A 347 41.08 -0.92 1.82
C VAL A 347 40.17 -1.84 2.64
N LEU A 348 40.02 -3.09 2.21
CA LEU A 348 39.15 -4.01 2.93
C LEU A 348 39.61 -4.20 4.37
N CYS A 349 40.91 -4.43 4.57
CA CYS A 349 41.41 -4.64 5.93
C CYS A 349 41.22 -3.41 6.80
N GLY A 350 41.48 -2.22 6.27
CA GLY A 350 41.31 -1.01 7.06
C GLY A 350 39.88 -0.81 7.52
N SER A 351 38.93 -0.98 6.60
CA SER A 351 37.52 -0.82 6.97
C SER A 351 37.11 -1.82 8.03
N SER A 352 37.51 -3.09 7.86
CA SER A 352 37.13 -4.10 8.84
C SER A 352 37.69 -3.80 10.22
N LEU A 353 38.96 -3.35 10.28
CA LEU A 353 39.57 -3.02 11.57
C LEU A 353 38.85 -1.84 12.22
N ALA A 354 38.51 -0.82 11.45
CA ALA A 354 37.80 0.32 12.04
C ALA A 354 36.48 -0.10 12.63
N LEU A 355 35.71 -0.93 11.92
CA LEU A 355 34.43 -1.38 12.45
C LEU A 355 34.61 -2.19 13.74
N LEU A 356 35.58 -3.11 13.75
CA LEU A 356 35.80 -3.91 14.95
C LEU A 356 36.19 -3.05 16.14
N VAL A 357 37.07 -2.08 15.95
CA VAL A 357 37.49 -1.22 17.05
C VAL A 357 36.31 -0.41 17.57
N ARG A 358 35.49 0.13 16.67
CA ARG A 358 34.35 0.93 17.12
C ARG A 358 33.36 0.09 17.91
N ILE A 359 33.13 -1.15 17.50
CA ILE A 359 32.24 -2.03 18.27
C ILE A 359 32.85 -2.37 19.62
N LEU A 360 34.14 -2.67 19.66
CA LEU A 360 34.79 -3.05 20.92
C LEU A 360 34.73 -1.92 21.94
N CYS A 361 35.03 -0.69 21.53
CA CYS A 361 35.15 0.40 22.49
C CYS A 361 33.86 0.62 23.26
N GLY A 362 32.74 0.75 22.55
CA GLY A 362 31.46 0.92 23.22
C GLY A 362 30.28 0.54 22.35
N SER A 363 29.45 -0.36 22.85
CA SER A 363 28.29 -0.83 22.10
C SER A 363 27.33 -1.50 23.06
N ARG A 364 26.04 -1.21 22.91
CA ARG A 364 25.01 -1.76 23.79
C ARG A 364 23.84 -2.22 22.94
N GLY A 365 23.63 -3.53 22.86
CA GLY A 365 22.50 -4.10 22.16
C GLY A 365 22.84 -4.79 20.85
N LEU A 366 24.00 -5.45 20.80
CA LEU A 366 24.45 -6.11 19.58
C LEU A 366 24.96 -7.51 19.90
N PRO A 367 24.71 -8.49 19.02
CA PRO A 367 25.35 -9.81 19.14
C PRO A 367 26.77 -9.77 18.61
N LEU A 368 27.74 -9.79 19.53
CA LEU A 368 29.11 -9.47 19.15
C LEU A 368 29.82 -10.64 18.46
N THR A 369 29.73 -11.83 19.06
CA THR A 369 30.49 -12.97 18.56
C THR A 369 30.15 -13.27 17.10
N ARG A 370 28.87 -13.19 16.74
CA ARG A 370 28.48 -13.42 15.36
C ARG A 370 29.11 -12.41 14.43
N LEU A 371 29.16 -11.15 14.85
CA LEU A 371 29.76 -10.11 14.01
C LEU A 371 31.24 -10.36 13.79
N TYR A 372 31.97 -10.67 14.87
CA TYR A 372 33.39 -10.94 14.74
C TYR A 372 33.64 -12.12 13.81
N LEU A 373 32.86 -13.18 13.97
CA LEU A 373 33.03 -14.35 13.11
C LEU A 373 32.76 -14.01 11.64
N THR A 374 31.70 -13.25 11.37
CA THR A 374 31.39 -12.90 9.98
C THR A 374 32.52 -12.07 9.37
N ILE A 375 33.05 -11.11 10.12
CA ILE A 375 34.07 -10.22 9.57
C ILE A 375 35.36 -11.00 9.27
N LEU A 376 35.79 -11.83 10.22
CA LEU A 376 37.00 -12.63 9.98
C LEU A 376 36.79 -13.62 8.83
N LEU A 377 35.60 -14.20 8.72
CA LEU A 377 35.32 -15.09 7.59
C LEU A 377 35.47 -14.37 6.27
N THR A 378 34.90 -13.16 6.15
CA THR A 378 35.02 -12.41 4.91
C THR A 378 36.49 -12.15 4.57
N VAL A 379 37.27 -11.68 5.55
CA VAL A 379 38.66 -11.35 5.26
C VAL A 379 39.46 -12.58 4.86
N LEU A 380 39.27 -13.69 5.58
CA LEU A 380 40.04 -14.89 5.29
C LEU A 380 39.68 -15.49 3.94
N VAL A 381 38.39 -15.52 3.59
CA VAL A 381 38.01 -16.02 2.28
C VAL A 381 38.60 -15.16 1.18
N PHE A 382 38.55 -13.84 1.34
CA PHE A 382 39.14 -12.95 0.34
C PHE A 382 40.63 -13.20 0.18
N LEU A 383 41.35 -13.39 1.28
CA LEU A 383 42.80 -13.55 1.19
C LEU A 383 43.20 -14.91 0.63
N LEU A 384 42.58 -15.99 1.10
CA LEU A 384 43.03 -17.33 0.73
C LEU A 384 42.25 -17.96 -0.41
N CYS A 385 41.30 -17.26 -1.01
CA CYS A 385 40.59 -17.81 -2.15
C CYS A 385 40.38 -16.83 -3.30
N GLY A 386 40.71 -15.55 -3.14
CA GLY A 386 40.57 -14.60 -4.22
C GLY A 386 41.87 -14.22 -4.91
N LEU A 387 42.88 -13.91 -4.13
CA LEU A 387 44.12 -13.31 -4.64
C LEU A 387 45.13 -14.26 -5.31
N PRO A 388 45.34 -15.48 -4.83
CA PRO A 388 46.45 -16.28 -5.39
C PRO A 388 46.46 -16.37 -6.90
N PHE A 389 45.30 -16.53 -7.52
CA PHE A 389 45.24 -16.56 -8.99
C PHE A 389 45.78 -15.28 -9.59
N GLY A 390 45.31 -14.12 -9.11
CA GLY A 390 45.75 -12.87 -9.69
C GLY A 390 47.21 -12.58 -9.45
N ILE A 391 47.68 -12.87 -8.23
CA ILE A 391 49.09 -12.64 -7.91
C ILE A 391 49.97 -13.47 -8.81
N GLN A 392 49.69 -14.77 -8.91
CA GLN A 392 50.37 -15.63 -9.89
C GLN A 392 50.35 -15.00 -11.27
N TRP A 393 49.14 -14.87 -11.83
CA TRP A 393 48.94 -14.55 -13.24
C TRP A 393 49.63 -13.27 -13.64
N PHE A 394 49.58 -12.23 -12.81
CA PHE A 394 50.12 -10.95 -13.21
C PHE A 394 51.53 -10.68 -12.69
N LEU A 395 52.04 -11.46 -11.74
CA LEU A 395 53.34 -11.05 -11.22
C LEU A 395 54.35 -12.19 -11.17
N ILE A 396 53.93 -13.40 -10.77
CA ILE A 396 54.88 -14.46 -10.47
C ILE A 396 55.55 -14.96 -11.74
N LEU A 397 54.77 -15.07 -12.82
CA LEU A 397 55.32 -15.53 -14.09
C LEU A 397 56.39 -14.59 -14.60
N TRP A 398 56.16 -13.27 -14.51
CA TRP A 398 57.17 -12.32 -14.97
C TRP A 398 58.40 -12.32 -14.05
N ILE A 399 58.21 -12.41 -12.74
CA ILE A 399 59.36 -12.36 -11.84
C ILE A 399 60.24 -13.59 -12.00
N TRP A 400 59.65 -14.77 -12.00
CA TRP A 400 60.43 -15.99 -12.12
C TRP A 400 60.72 -16.31 -13.59
N SER A 403 61.27 -21.05 -15.08
CA SER A 403 60.80 -22.17 -14.27
C SER A 403 59.79 -23.01 -15.05
N ASP A 404 59.87 -24.33 -14.88
CA ASP A 404 58.98 -25.25 -15.58
C ASP A 404 57.84 -25.74 -14.70
N VAL A 405 58.04 -25.81 -13.39
CA VAL A 405 56.97 -26.20 -12.48
C VAL A 405 56.09 -25.03 -12.07
N LEU A 406 56.58 -23.80 -12.21
CA LEU A 406 55.82 -22.63 -11.77
C LEU A 406 54.51 -22.48 -12.53
N PHE A 407 54.46 -22.95 -13.78
CA PHE A 407 53.22 -22.86 -14.53
C PHE A 407 52.29 -24.03 -14.20
N CYS A 408 52.73 -25.25 -14.50
CA CYS A 408 51.84 -26.41 -14.45
C CYS A 408 51.51 -26.82 -13.03
N HIS A 409 52.43 -26.65 -12.08
CA HIS A 409 52.16 -27.08 -10.72
C HIS A 409 51.48 -26.00 -9.88
N ILE A 410 51.17 -24.83 -10.45
CA ILE A 410 50.63 -23.73 -9.67
C ILE A 410 49.32 -23.24 -10.27
N HIS A 411 49.15 -23.38 -11.58
CA HIS A 411 47.93 -22.89 -12.21
C HIS A 411 46.66 -23.59 -11.73
N PRO A 412 46.56 -24.93 -11.73
CA PRO A 412 45.26 -25.55 -11.41
C PRO A 412 44.82 -25.31 -9.98
N VAL A 413 45.75 -25.30 -9.02
CA VAL A 413 45.37 -25.01 -7.64
C VAL A 413 44.80 -23.60 -7.53
N SER A 414 45.42 -22.65 -8.22
CA SER A 414 44.92 -21.27 -8.22
C SER A 414 43.52 -21.19 -8.80
N VAL A 415 43.27 -21.86 -9.92
CA VAL A 415 41.94 -21.80 -10.51
C VAL A 415 40.93 -22.50 -9.60
N VAL A 416 41.34 -23.58 -8.94
CA VAL A 416 40.46 -24.26 -7.98
C VAL A 416 40.04 -23.29 -6.89
N LEU A 417 40.99 -22.55 -6.33
CA LEU A 417 40.70 -21.65 -5.22
C LEU A 417 39.79 -20.49 -5.67
N SER A 418 40.08 -19.91 -6.82
CA SER A 418 39.23 -18.82 -7.30
C SER A 418 37.82 -19.31 -7.59
N SER A 419 37.68 -20.51 -8.15
CA SER A 419 36.35 -21.08 -8.37
C SER A 419 35.62 -21.28 -7.05
N LEU A 420 36.34 -21.73 -6.02
CA LEU A 420 35.71 -21.96 -4.72
C LEU A 420 35.17 -20.66 -4.14
N ASN A 421 35.99 -19.59 -4.16
CA ASN A 421 35.52 -18.30 -3.67
C ASN A 421 34.34 -17.80 -4.50
N SER A 422 34.43 -17.97 -5.81
CA SER A 422 33.41 -17.48 -6.72
C SER A 422 32.07 -18.14 -6.42
N SER A 423 32.08 -19.44 -6.16
CA SER A 423 30.84 -20.14 -5.85
C SER A 423 30.36 -19.81 -4.44
N ALA A 424 31.28 -19.60 -3.50
CA ALA A 424 30.91 -19.41 -2.10
C ALA A 424 30.40 -18.01 -1.78
N ASN A 425 30.63 -17.02 -2.64
CA ASN A 425 30.14 -15.68 -2.33
C ASN A 425 28.62 -15.60 -2.14
N PRO A 426 27.77 -16.13 -3.02
CA PRO A 426 26.32 -15.97 -2.83
C PRO A 426 25.79 -16.55 -1.54
N ILE A 427 26.36 -17.66 -1.06
CA ILE A 427 25.94 -18.22 0.22
C ILE A 427 26.17 -17.22 1.34
N ILE A 428 27.35 -16.58 1.34
CA ILE A 428 27.69 -15.66 2.42
C ILE A 428 26.82 -14.41 2.35
N TYR A 429 26.65 -13.83 1.16
CA TYR A 429 26.04 -12.52 1.08
C TYR A 429 24.54 -12.52 0.78
N PHE A 430 23.91 -13.67 0.56
CA PHE A 430 22.47 -13.64 0.34
C PHE A 430 21.71 -14.74 1.08
N PHE A 431 22.38 -15.84 1.42
CA PHE A 431 21.66 -17.00 1.91
C PHE A 431 21.80 -17.22 3.41
N VAL A 432 22.98 -16.99 3.99
CA VAL A 432 23.12 -17.18 5.42
C VAL A 432 22.27 -16.18 6.19
N GLY A 433 22.15 -14.95 5.68
CA GLY A 433 21.36 -13.95 6.37
C GLY A 433 19.89 -14.28 6.42
N SER A 434 19.34 -14.81 5.32
CA SER A 434 17.91 -15.14 5.25
C SER A 434 17.66 -16.49 5.92
N PHE A 435 17.83 -16.49 7.24
CA PHE A 435 17.65 -17.68 8.06
C PHE A 435 18.50 -18.85 7.59
N LEU B 5 -4.18 0.20 -27.28
CA LEU B 5 -4.80 1.17 -26.39
C LEU B 5 -5.27 2.39 -27.16
N SER B 6 -6.35 3.00 -26.69
CA SER B 6 -6.85 4.24 -27.26
C SER B 6 -6.06 5.42 -26.68
N ALA B 7 -6.42 6.63 -27.10
CA ALA B 7 -5.75 7.81 -26.59
C ALA B 7 -6.03 8.02 -25.11
N GLU B 8 -7.29 7.84 -24.71
CA GLU B 8 -7.67 8.07 -23.32
C GLU B 8 -7.05 7.03 -22.38
N ASP B 9 -6.86 5.80 -22.86
CA ASP B 9 -6.16 4.81 -22.05
C ASP B 9 -4.72 5.23 -21.76
N LYS B 10 -4.03 5.76 -22.77
CA LYS B 10 -2.67 6.26 -22.55
C LYS B 10 -2.65 7.40 -21.56
N ALA B 11 -3.62 8.31 -21.66
CA ALA B 11 -3.69 9.41 -20.69
C ALA B 11 -3.90 8.88 -19.27
N ALA B 12 -4.78 7.89 -19.10
CA ALA B 12 -5.00 7.29 -17.79
C ALA B 12 -3.73 6.65 -17.25
N VAL B 13 -2.96 5.98 -18.11
CA VAL B 13 -1.71 5.37 -17.68
C VAL B 13 -0.74 6.44 -17.18
N GLU B 14 -0.66 7.57 -17.88
CA GLU B 14 0.22 8.65 -17.40
C GLU B 14 -0.22 9.16 -16.02
N ARG B 15 -1.53 9.31 -15.83
CA ARG B 15 -2.04 9.74 -14.53
C ARG B 15 -1.60 8.77 -13.43
N SER B 16 -1.72 7.47 -13.70
CA SER B 16 -1.31 6.47 -12.71
C SER B 16 0.18 6.55 -12.41
N LYS B 17 1.01 6.77 -13.43
CA LYS B 17 2.46 6.87 -13.21
C LYS B 17 2.80 8.06 -12.31
N MET B 18 2.17 9.21 -12.54
CA MET B 18 2.43 10.36 -11.67
C MET B 18 2.00 10.10 -10.23
N ILE B 19 0.85 9.46 -10.04
CA ILE B 19 0.43 9.10 -8.70
C ILE B 19 1.48 8.21 -8.02
N ASP B 20 2.01 7.23 -8.77
CA ASP B 20 3.01 6.34 -8.20
C ASP B 20 4.27 7.10 -7.79
N ARG B 21 4.70 8.06 -8.61
CA ARG B 21 5.88 8.84 -8.28
C ARG B 21 5.69 9.61 -6.97
N ASN B 22 4.53 10.26 -6.82
CA ASN B 22 4.28 11.00 -5.59
C ASN B 22 4.25 10.08 -4.37
N LEU B 23 3.63 8.90 -4.51
CA LEU B 23 3.58 7.96 -3.40
C LEU B 23 4.98 7.53 -2.98
N ARG B 24 5.85 7.25 -3.95
CA ARG B 24 7.22 6.85 -3.62
C ARG B 24 7.96 7.95 -2.88
N GLU B 25 7.82 9.20 -3.33
CA GLU B 25 8.51 10.30 -2.65
C GLU B 25 8.02 10.46 -1.21
N ASP B 26 6.70 10.36 -0.99
CA ASP B 26 6.18 10.48 0.36
C ASP B 26 6.67 9.35 1.26
N GLY B 27 6.72 8.12 0.73
CA GLY B 27 7.24 7.02 1.53
C GLY B 27 8.70 7.19 1.91
N GLU B 28 9.51 7.68 0.95
CA GLU B 28 10.92 7.92 1.26
C GLU B 28 11.05 8.98 2.35
N LYS B 29 10.24 10.04 2.30
CA LYS B 29 10.31 11.05 3.36
C LYS B 29 9.88 10.47 4.71
N ALA B 30 8.82 9.66 4.73
CA ALA B 30 8.30 9.15 5.99
C ALA B 30 9.20 8.11 6.64
N ALA B 31 10.01 7.41 5.84
CA ALA B 31 10.84 6.34 6.39
C ALA B 31 12.06 6.84 7.17
N ARG B 32 12.26 8.14 7.29
CA ARG B 32 13.45 8.69 7.94
C ARG B 32 13.11 9.47 9.21
N GLU B 33 12.12 9.03 9.97
CA GLU B 33 11.67 9.74 11.16
C GLU B 33 11.66 8.80 12.36
N VAL B 34 11.74 9.39 13.55
CA VAL B 34 11.80 8.62 14.79
C VAL B 34 10.46 8.73 15.50
N LYS B 35 9.81 7.58 15.70
CA LYS B 35 8.48 7.49 16.27
C LYS B 35 8.56 6.91 17.68
N LEU B 36 7.90 7.57 18.64
CA LEU B 36 7.97 7.19 20.04
C LEU B 36 6.57 7.02 20.60
N LEU B 37 6.39 6.03 21.47
CA LEU B 37 5.11 5.82 22.15
C LEU B 37 5.24 6.19 23.62
N LEU B 38 4.35 7.06 24.11
CA LEU B 38 4.43 7.57 25.46
C LEU B 38 3.38 6.90 26.34
N LEU B 39 3.80 6.35 27.48
CA LEU B 39 2.90 5.65 28.38
C LEU B 39 3.20 6.05 29.83
N GLY B 40 2.18 5.95 30.66
CA GLY B 40 2.30 6.28 32.06
C GLY B 40 0.95 6.26 32.74
N ALA B 41 0.93 6.73 33.98
CA ALA B 41 -0.28 6.86 34.75
C ALA B 41 -0.82 8.29 34.65
N GLY B 42 -2.02 8.49 35.21
CA GLY B 42 -2.64 9.81 35.11
C GLY B 42 -1.87 10.88 35.85
N GLU B 43 -1.44 10.60 37.08
CA GLU B 43 -0.70 11.54 37.91
C GLU B 43 0.80 11.26 37.90
N SER B 44 1.28 10.41 36.99
CA SER B 44 2.69 10.07 36.95
C SER B 44 3.54 11.28 36.59
N GLY B 45 3.05 12.11 35.69
CA GLY B 45 3.81 13.25 35.22
C GLY B 45 4.31 13.03 33.81
N LYS B 46 3.52 13.49 32.83
CA LYS B 46 3.85 13.37 31.42
C LYS B 46 3.76 14.75 30.80
N ASN B 47 2.89 15.59 31.36
CA ASN B 47 2.76 16.95 30.89
C ASN B 47 4.05 17.74 31.09
N THR B 48 4.72 17.52 32.22
CA THR B 48 6.02 18.15 32.42
C THR B 48 7.04 17.64 31.41
N ILE B 49 7.01 16.35 31.10
CA ILE B 49 7.91 15.79 30.10
C ILE B 49 7.62 16.38 28.73
N VAL B 50 6.34 16.52 28.39
CA VAL B 50 5.97 17.10 27.10
C VAL B 50 6.43 18.55 27.01
N LYS B 51 6.21 19.31 28.10
CA LYS B 51 6.63 20.72 28.10
C LYS B 51 8.15 20.84 27.98
N GLN B 52 8.89 19.98 28.67
CA GLN B 52 10.36 20.05 28.61
C GLN B 52 10.89 19.59 27.26
N MET B 53 10.22 18.64 26.61
CA MET B 53 10.70 18.09 25.34
C MET B 53 10.22 18.87 24.12
N LYS B 54 9.49 19.95 24.31
CA LYS B 54 9.07 20.80 23.19
C LYS B 54 9.42 22.26 23.45
N THR B 182 -10.82 14.35 22.43
CA THR B 182 -10.76 12.89 22.48
C THR B 182 -9.82 12.34 21.42
N GLY B 183 -9.52 11.05 21.51
CA GLY B 183 -8.62 10.41 20.57
C GLY B 183 -7.22 10.28 21.13
N ILE B 184 -6.22 10.33 20.26
CA ILE B 184 -4.83 10.32 20.69
C ILE B 184 -4.16 11.60 20.18
N VAL B 185 -3.08 11.98 20.85
CA VAL B 185 -2.43 13.27 20.62
C VAL B 185 -1.04 13.04 20.03
N GLU B 186 -0.64 13.93 19.14
CA GLU B 186 0.64 13.86 18.45
C GLU B 186 1.47 15.09 18.73
N THR B 187 2.75 14.91 18.99
CA THR B 187 3.69 16.00 19.21
C THR B 187 4.89 15.84 18.29
N HIS B 188 5.37 16.95 17.73
CA HIS B 188 6.49 16.96 16.81
C HIS B 188 7.60 17.85 17.32
N PHE B 189 8.85 17.37 17.26
CA PHE B 189 9.98 18.26 17.56
C PHE B 189 11.23 17.80 16.82
N THR B 190 12.29 18.59 16.95
CA THR B 190 13.53 18.40 16.22
C THR B 190 14.72 18.65 17.13
N PHE B 191 15.73 17.79 17.04
CA PHE B 191 16.90 17.88 17.91
C PHE B 191 18.10 17.28 17.18
N LYS B 192 19.03 18.15 16.77
CA LYS B 192 20.28 17.74 16.12
C LYS B 192 20.03 16.93 14.84
N ASP B 193 19.32 17.57 13.91
CA ASP B 193 19.08 16.99 12.58
C ASP B 193 18.28 15.70 12.64
N LEU B 194 17.40 15.56 13.63
CA LEU B 194 16.51 14.41 13.73
C LEU B 194 15.09 14.90 13.97
N HIS B 195 14.12 14.18 13.41
CA HIS B 195 12.70 14.52 13.51
C HIS B 195 12.00 13.49 14.38
N PHE B 196 11.35 13.96 15.44
CA PHE B 196 10.70 13.12 16.43
C PHE B 196 9.19 13.35 16.40
N LYS B 197 8.45 12.25 16.28
CA LYS B 197 7.00 12.24 16.47
C LYS B 197 6.66 11.39 17.68
N MET B 198 5.96 11.98 18.65
CA MET B 198 5.63 11.35 19.90
C MET B 198 4.12 11.19 20.00
N PHE B 199 3.67 9.98 20.34
CA PHE B 199 2.25 9.63 20.35
C PHE B 199 1.77 9.34 21.77
N ASP B 200 0.72 10.01 22.19
CA ASP B 200 0.17 9.87 23.53
C ASP B 200 -1.25 9.33 23.39
N VAL B 201 -1.55 8.27 24.15
CA VAL B 201 -2.79 7.51 23.99
C VAL B 201 -3.52 7.40 25.32
N GLY B 202 -3.35 8.38 26.20
CA GLY B 202 -3.90 8.29 27.53
C GLY B 202 -5.41 8.45 27.63
N ALA B 203 -6.04 9.03 26.61
CA ALA B 203 -7.49 9.25 26.65
C ALA B 203 -8.29 8.03 26.24
N GLN B 204 -7.68 7.06 25.56
CA GLN B 204 -8.40 5.88 25.11
C GLN B 204 -8.64 4.95 26.29
N ARG B 205 -9.88 4.92 26.78
CA ARG B 205 -10.27 4.06 27.91
C ARG B 205 -11.12 2.93 27.36
N SER B 206 -10.46 1.87 26.91
CA SER B 206 -11.12 0.71 26.32
C SER B 206 -10.12 -0.45 26.31
N GLU B 207 -10.54 -1.55 25.71
CA GLU B 207 -9.68 -2.74 25.63
C GLU B 207 -8.48 -2.44 24.74
N ARG B 208 -7.30 -2.44 25.33
CA ARG B 208 -6.10 -2.08 24.59
C ARG B 208 -5.47 -3.26 23.87
N LYS B 209 -6.00 -4.46 24.04
CA LYS B 209 -5.57 -5.61 23.25
C LYS B 209 -6.03 -5.50 21.80
N LYS B 210 -6.90 -4.54 21.49
CA LYS B 210 -7.46 -4.39 20.15
C LYS B 210 -6.75 -3.37 19.29
N TRP B 211 -5.97 -2.46 19.87
CA TRP B 211 -5.30 -1.44 19.10
C TRP B 211 -3.80 -1.33 19.41
N ILE B 212 -3.25 -2.21 20.23
CA ILE B 212 -1.83 -2.13 20.58
C ILE B 212 -0.93 -2.68 19.48
N HIS B 213 -1.49 -3.40 18.51
CA HIS B 213 -0.68 -3.91 17.41
C HIS B 213 -0.48 -2.89 16.30
N CYS B 214 -1.16 -1.74 16.37
CA CYS B 214 -0.90 -0.67 15.42
C CYS B 214 0.49 -0.09 15.60
N PHE B 215 0.99 -0.11 16.84
CA PHE B 215 2.31 0.42 17.18
C PHE B 215 3.39 -0.64 17.19
N GLU B 216 3.25 -1.69 16.37
CA GLU B 216 4.20 -2.79 16.39
C GLU B 216 5.57 -2.34 15.90
N GLY B 217 5.62 -1.54 14.85
CA GLY B 217 6.89 -1.00 14.38
C GLY B 217 7.11 0.42 14.87
N VAL B 218 7.85 0.54 15.96
CA VAL B 218 8.06 1.84 16.60
C VAL B 218 9.43 1.79 17.26
N THR B 219 10.10 2.95 17.29
CA THR B 219 11.50 2.97 17.67
C THR B 219 11.71 2.79 19.17
N ALA B 220 10.86 3.40 20.00
CA ALA B 220 11.08 3.32 21.44
C ALA B 220 9.79 3.61 22.19
N ILE B 221 9.75 3.11 23.43
CA ILE B 221 8.66 3.35 24.36
C ILE B 221 9.19 4.13 25.54
N ILE B 222 8.56 5.25 25.85
CA ILE B 222 8.87 6.05 27.03
C ILE B 222 7.83 5.73 28.10
N PHE B 223 8.29 5.41 29.30
CA PHE B 223 7.42 5.04 30.41
C PHE B 223 7.68 5.97 31.58
N CYS B 224 6.65 6.70 32.00
CA CYS B 224 6.77 7.66 33.09
C CYS B 224 6.19 7.09 34.38
N VAL B 225 6.97 7.13 35.46
CA VAL B 225 6.53 6.71 36.77
C VAL B 225 6.90 7.80 37.77
N ALA B 226 5.97 8.13 38.66
CA ALA B 226 6.23 9.07 39.74
C ALA B 226 6.58 8.28 40.99
N LEU B 227 7.77 8.52 41.54
CA LEU B 227 8.19 7.85 42.76
C LEU B 227 7.91 8.69 43.99
N SER B 228 6.80 9.44 43.98
CA SER B 228 6.32 10.18 45.14
C SER B 228 4.95 9.72 45.59
N ASP B 229 4.38 8.68 44.96
CA ASP B 229 3.05 8.22 45.31
C ASP B 229 3.05 6.80 45.85
N TYR B 230 4.15 6.35 46.45
CA TYR B 230 4.16 5.04 47.10
C TYR B 230 3.24 5.02 48.30
N ASP B 231 3.09 6.14 49.00
CA ASP B 231 2.22 6.22 50.16
C ASP B 231 0.75 6.31 49.77
N LEU B 232 0.44 6.98 48.66
CA LEU B 232 -0.94 7.26 48.28
C LEU B 232 -1.65 5.99 47.82
N VAL B 233 -2.98 6.05 47.87
CA VAL B 233 -3.85 4.95 47.46
C VAL B 233 -4.87 5.49 46.46
N LEU B 234 -5.21 4.69 45.47
CA LEU B 234 -6.15 5.11 44.42
C LEU B 234 -7.46 5.65 45.00
N MET B 240 -5.95 -0.60 46.65
CA MET B 240 -4.95 -0.66 45.60
C MET B 240 -3.97 0.50 45.68
N ASN B 241 -2.69 0.18 45.83
CA ASN B 241 -1.63 1.18 45.88
C ASN B 241 -1.24 1.58 44.47
N ARG B 242 -0.92 2.86 44.30
CA ARG B 242 -0.63 3.39 42.96
C ARG B 242 0.62 2.73 42.37
N MET B 243 1.65 2.51 43.19
CA MET B 243 2.89 1.92 42.71
C MET B 243 2.66 0.52 42.15
N HIS B 244 1.78 -0.25 42.79
CA HIS B 244 1.49 -1.60 42.31
C HIS B 244 0.73 -1.56 41.00
N ALA B 245 -0.15 -0.57 40.81
CA ALA B 245 -0.80 -0.39 39.51
C ALA B 245 0.23 -0.08 38.43
N SER B 246 1.19 0.79 38.74
CA SER B 246 2.23 1.09 37.77
C SER B 246 3.04 -0.15 37.43
N MET B 247 3.36 -0.98 38.44
CA MET B 247 4.08 -2.21 38.17
C MET B 247 3.27 -3.15 37.28
N LYS B 248 1.97 -3.26 37.51
CA LYS B 248 1.15 -4.14 36.68
C LYS B 248 1.15 -3.68 35.23
N LEU B 249 1.02 -2.37 35.01
CA LEU B 249 1.04 -1.86 33.64
C LEU B 249 2.39 -2.08 32.97
N PHE B 250 3.48 -1.82 33.71
CA PHE B 250 4.81 -2.04 33.16
C PHE B 250 5.03 -3.51 32.80
N ASP B 251 4.58 -4.41 33.67
CA ASP B 251 4.73 -5.84 33.41
C ASP B 251 3.93 -6.26 32.18
N SER B 252 2.72 -5.73 32.04
CA SER B 252 1.90 -6.09 30.88
C SER B 252 2.52 -5.59 29.57
N ILE B 253 3.04 -4.36 29.56
CA ILE B 253 3.63 -3.82 28.33
C ILE B 253 4.95 -4.50 28.00
N CYS B 254 5.80 -4.72 29.00
CA CYS B 254 7.16 -5.18 28.74
C CYS B 254 7.18 -6.57 28.09
N ASN B 255 6.30 -7.46 28.54
CA ASN B 255 6.31 -8.86 28.09
C ASN B 255 5.21 -9.16 27.07
N ASN B 256 4.95 -8.23 26.16
CA ASN B 256 3.96 -8.42 25.11
C ASN B 256 4.57 -9.14 23.91
N LYS B 257 3.70 -9.64 23.04
CA LYS B 257 4.15 -10.35 21.85
C LYS B 257 4.47 -9.42 20.69
N TRP B 258 4.11 -8.14 20.76
CA TRP B 258 4.41 -7.20 19.70
C TRP B 258 5.66 -6.38 19.97
N PHE B 259 6.22 -6.45 21.18
CA PHE B 259 7.35 -5.63 21.60
C PHE B 259 8.49 -6.50 22.12
N THR B 260 8.83 -7.54 21.36
CA THR B 260 9.85 -8.48 21.83
C THR B 260 11.23 -7.82 21.88
N ASP B 261 11.56 -6.98 20.91
CA ASP B 261 12.88 -6.38 20.81
C ASP B 261 12.78 -4.86 20.68
N THR B 262 11.96 -4.24 21.54
CA THR B 262 11.77 -2.80 21.53
C THR B 262 12.31 -2.18 22.81
N SER B 263 13.04 -1.08 22.65
CA SER B 263 13.69 -0.44 23.78
C SER B 263 12.73 0.40 24.61
N ILE B 264 12.99 0.44 25.91
CA ILE B 264 12.17 1.13 26.88
C ILE B 264 13.04 2.12 27.64
N ILE B 265 12.62 3.39 27.66
CA ILE B 265 13.27 4.44 28.44
C ILE B 265 12.35 4.76 29.61
N LEU B 266 12.85 4.59 30.82
CA LEU B 266 12.06 4.67 32.04
C LEU B 266 12.43 5.94 32.80
N PHE B 267 11.44 6.79 33.04
CA PHE B 267 11.64 8.04 33.77
C PHE B 267 11.01 7.91 35.15
N LEU B 268 11.74 8.34 36.17
CA LEU B 268 11.32 8.30 37.57
C LEU B 268 11.26 9.74 38.07
N ASN B 269 10.06 10.31 38.16
CA ASN B 269 9.87 11.74 38.36
C ASN B 269 9.56 12.08 39.82
N LYS B 270 9.68 13.37 40.12
CA LYS B 270 9.33 13.94 41.42
C LYS B 270 10.21 13.38 42.54
N LYS B 271 11.51 13.54 42.39
CA LYS B 271 12.43 13.07 43.42
C LYS B 271 12.53 14.04 44.61
N ASP B 272 12.17 15.30 44.42
CA ASP B 272 12.21 16.26 45.52
C ASP B 272 11.18 15.92 46.59
N LEU B 273 9.92 15.70 46.18
CA LEU B 273 8.89 15.31 47.13
C LEU B 273 9.22 13.98 47.78
N PHE B 274 9.86 13.08 47.04
CA PHE B 274 10.27 11.80 47.62
C PHE B 274 11.31 11.98 48.71
N GLU B 275 12.32 12.83 48.45
CA GLU B 275 13.34 13.06 49.46
C GLU B 275 12.75 13.76 50.69
N GLU B 276 11.76 14.63 50.49
CA GLU B 276 11.12 15.24 51.65
C GLU B 276 10.24 14.27 52.42
N LYS B 277 9.53 13.38 51.73
CA LYS B 277 8.57 12.48 52.38
C LYS B 277 9.20 11.19 52.89
N ILE B 278 10.42 10.87 52.48
CA ILE B 278 11.04 9.62 52.89
C ILE B 278 11.45 9.68 54.36
N LYS B 279 11.49 10.87 54.95
CA LYS B 279 11.91 11.00 56.34
C LYS B 279 10.75 10.82 57.33
N LYS B 280 9.52 11.13 56.91
CA LYS B 280 8.37 11.03 57.79
C LYS B 280 7.65 9.69 57.64
N SER B 281 7.16 9.40 56.43
CA SER B 281 6.43 8.16 56.17
C SER B 281 7.38 7.10 55.64
N PRO B 282 7.51 5.96 56.31
CA PRO B 282 8.49 4.96 55.88
C PRO B 282 8.07 4.26 54.60
N LEU B 283 9.08 3.68 53.92
CA LEU B 283 8.86 2.95 52.69
C LEU B 283 8.24 1.57 52.91
N THR B 284 8.26 1.06 54.14
CA THR B 284 7.67 -0.25 54.41
C THR B 284 6.19 -0.29 54.07
N ILE B 285 5.54 0.88 54.01
CA ILE B 285 4.13 0.94 53.62
C ILE B 285 3.92 0.28 52.26
N CYS B 286 4.80 0.58 51.29
CA CYS B 286 4.66 0.00 49.96
C CYS B 286 5.28 -1.39 49.90
N TYR B 287 6.54 -1.52 50.33
CA TYR B 287 7.25 -2.79 50.30
C TYR B 287 7.42 -3.29 51.72
N PRO B 288 6.62 -4.25 52.18
CA PRO B 288 6.78 -4.76 53.55
C PRO B 288 8.12 -5.41 53.83
N GLU B 289 8.74 -6.03 52.82
CA GLU B 289 9.95 -6.80 53.01
C GLU B 289 11.21 -6.03 52.63
N TYR B 290 11.21 -4.70 52.80
CA TYR B 290 12.34 -3.88 52.42
C TYR B 290 13.58 -4.22 53.24
N ALA B 291 13.54 -3.94 54.54
CA ALA B 291 14.63 -4.23 55.46
C ALA B 291 15.94 -3.57 55.00
N GLY B 292 15.93 -2.24 55.06
CA GLY B 292 17.10 -1.48 54.69
C GLY B 292 17.06 -0.09 55.28
N SER B 293 18.12 0.66 55.05
CA SER B 293 18.23 2.02 55.55
C SER B 293 17.17 2.91 54.89
N ASN B 294 16.78 3.96 55.61
CA ASN B 294 15.69 4.83 55.20
C ASN B 294 16.28 6.19 54.82
N THR B 295 16.75 6.30 53.58
CA THR B 295 17.29 7.52 53.04
C THR B 295 17.01 7.55 51.55
N TYR B 296 17.50 8.59 50.86
CA TYR B 296 17.15 8.79 49.46
C TYR B 296 17.78 7.71 48.57
N GLU B 297 19.07 7.47 48.73
CA GLU B 297 19.79 6.61 47.79
C GLU B 297 19.31 5.17 47.86
N GLU B 298 19.19 4.62 49.06
CA GLU B 298 18.81 3.21 49.21
C GLU B 298 17.40 2.97 48.68
N ALA B 299 16.47 3.86 49.02
CA ALA B 299 15.11 3.74 48.53
C ALA B 299 15.04 3.83 47.02
N ALA B 300 15.77 4.78 46.44
CA ALA B 300 15.76 4.94 44.99
C ALA B 300 16.31 3.70 44.29
N ALA B 301 17.43 3.17 44.79
CA ALA B 301 18.00 1.97 44.20
C ALA B 301 17.06 0.78 44.33
N TYR B 302 16.40 0.63 45.47
CA TYR B 302 15.46 -0.47 45.65
C TYR B 302 14.31 -0.41 44.66
N ILE B 303 13.73 0.79 44.50
CA ILE B 303 12.59 0.92 43.59
C ILE B 303 13.03 0.65 42.14
N GLN B 304 14.20 1.16 41.75
CA GLN B 304 14.68 0.89 40.40
C GLN B 304 14.90 -0.59 40.16
N CYS B 305 15.49 -1.29 41.14
CA CYS B 305 15.71 -2.73 40.97
C CYS B 305 14.39 -3.48 40.88
N GLN B 306 13.41 -3.10 41.70
CA GLN B 306 12.10 -3.74 41.63
C GLN B 306 11.45 -3.55 40.27
N PHE B 307 11.65 -2.39 39.64
CA PHE B 307 11.07 -2.22 38.31
C PHE B 307 11.84 -2.98 37.24
N GLU B 308 13.18 -3.02 37.34
CA GLU B 308 13.96 -3.68 36.30
C GLU B 308 13.86 -5.19 36.38
N ASP B 309 13.48 -5.74 37.53
CA ASP B 309 13.42 -7.19 37.67
C ASP B 309 12.20 -7.82 36.99
N LEU B 310 11.26 -7.03 36.50
CA LEU B 310 10.05 -7.56 35.88
C LEU B 310 10.24 -7.95 34.42
N ASN B 311 11.46 -7.94 33.92
CA ASN B 311 11.74 -8.16 32.50
C ASN B 311 12.16 -9.61 32.30
N LYS B 312 11.20 -10.48 32.01
CA LYS B 312 11.53 -11.84 31.61
C LYS B 312 12.19 -11.83 30.25
N ARG B 313 13.18 -12.71 30.08
CA ARG B 313 14.01 -12.75 28.87
C ARG B 313 14.71 -11.40 28.67
N LYS B 314 15.59 -11.07 29.62
CA LYS B 314 16.35 -9.83 29.55
C LYS B 314 17.64 -10.00 28.75
N ASP B 315 17.50 -10.57 27.56
CA ASP B 315 18.62 -10.75 26.65
C ASP B 315 18.29 -10.31 25.23
N THR B 316 17.05 -9.87 24.98
CA THR B 316 16.65 -9.41 23.67
C THR B 316 16.15 -7.98 23.64
N LYS B 317 16.23 -7.25 24.75
CA LYS B 317 15.85 -5.85 24.76
C LYS B 317 16.59 -5.13 25.88
N GLU B 318 16.66 -3.81 25.77
CA GLU B 318 17.39 -2.96 26.70
C GLU B 318 16.44 -2.02 27.41
N ILE B 319 16.79 -1.66 28.64
CA ILE B 319 16.00 -0.76 29.47
C ILE B 319 16.90 0.34 30.02
N TYR B 320 16.55 1.59 29.74
CA TYR B 320 17.30 2.75 30.18
C TYR B 320 16.54 3.45 31.30
N THR B 321 17.24 3.82 32.36
CA THR B 321 16.64 4.43 33.54
C THR B 321 17.31 5.76 33.86
N HIS B 322 16.50 6.76 34.19
CA HIS B 322 16.97 8.11 34.50
C HIS B 322 16.13 8.70 35.61
N PHE B 323 16.77 9.48 36.47
CA PHE B 323 16.11 10.14 37.60
C PHE B 323 15.93 11.62 37.25
N THR B 324 14.69 12.05 37.13
CA THR B 324 14.38 13.42 36.72
C THR B 324 13.67 14.15 37.84
N CYS B 325 13.48 15.45 37.64
CA CYS B 325 12.71 16.29 38.55
C CYS B 325 12.02 17.36 37.73
N SER B 326 11.28 18.23 38.41
CA SER B 326 10.50 19.25 37.71
C SER B 326 11.40 20.24 36.97
N THR B 327 12.49 20.67 37.61
CA THR B 327 13.41 21.65 37.03
C THR B 327 14.67 20.91 36.62
N ASP B 328 14.69 20.42 35.37
CA ASP B 328 15.81 19.65 34.86
C ASP B 328 15.71 19.63 33.33
N THR B 329 16.74 20.10 32.65
CA THR B 329 16.77 20.09 31.19
C THR B 329 17.99 19.30 30.71
N LYS B 330 17.87 17.98 30.74
CA LYS B 330 18.82 17.07 30.12
C LYS B 330 18.14 15.85 29.52
N ASN B 331 16.81 15.80 29.53
CA ASN B 331 16.11 14.58 29.15
C ASN B 331 16.15 14.32 27.65
N VAL B 332 16.14 15.39 26.85
CA VAL B 332 16.19 15.22 25.40
C VAL B 332 17.51 14.58 24.99
N GLN B 333 18.60 14.95 25.67
CA GLN B 333 19.88 14.31 25.43
C GLN B 333 19.83 12.83 25.75
N PHE B 334 19.17 12.48 26.85
CA PHE B 334 19.02 11.07 27.22
C PHE B 334 18.27 10.28 26.15
N VAL B 335 17.17 10.85 25.64
CA VAL B 335 16.41 10.17 24.59
C VAL B 335 17.25 10.03 23.32
N PHE B 336 18.00 11.08 22.96
CA PHE B 336 18.84 11.03 21.77
C PHE B 336 19.90 9.95 21.87
N ASP B 337 20.57 9.86 23.02
CA ASP B 337 21.58 8.83 23.22
C ASP B 337 20.97 7.44 23.19
N ALA B 338 19.76 7.26 23.74
CA ALA B 338 19.11 5.97 23.64
C ALA B 338 18.78 5.61 22.20
N VAL B 339 18.31 6.57 21.40
CA VAL B 339 17.86 6.28 20.04
C VAL B 339 19.03 6.02 19.09
N THR B 340 20.21 6.59 19.38
CA THR B 340 21.35 6.35 18.49
C THR B 340 21.71 4.87 18.40
N ASP B 341 21.63 4.15 19.52
CA ASP B 341 21.90 2.72 19.52
C ASP B 341 20.92 1.96 18.61
N VAL B 342 19.64 2.31 18.69
CA VAL B 342 18.64 1.67 17.83
C VAL B 342 18.95 1.94 16.37
N ILE B 343 19.36 3.17 16.03
CA ILE B 343 19.67 3.48 14.64
C ILE B 343 20.88 2.67 14.16
N ILE B 344 21.92 2.57 14.99
CA ILE B 344 23.09 1.78 14.61
C ILE B 344 22.70 0.33 14.35
N LYS B 345 21.90 -0.24 15.25
CA LYS B 345 21.48 -1.62 15.09
C LYS B 345 20.61 -1.81 13.85
N ASN B 346 19.72 -0.87 13.54
CA ASN B 346 18.89 -1.03 12.37
C ASN B 346 19.65 -0.91 11.06
N ASN B 347 20.62 0.00 10.96
CA ASN B 347 21.34 0.10 9.69
C ASN B 347 22.52 -0.85 9.61
N LEU B 348 22.81 -1.62 10.66
CA LEU B 348 23.60 -2.83 10.44
C LEU B 348 22.77 -3.95 9.84
N LYS B 349 21.47 -3.97 10.12
CA LYS B 349 20.59 -5.00 9.58
C LYS B 349 20.25 -4.76 8.11
N ASP B 350 20.21 -3.50 7.69
CA ASP B 350 19.97 -3.19 6.28
C ASP B 350 21.15 -3.64 5.42
N CYS B 351 22.34 -3.72 5.99
CA CYS B 351 23.54 -4.09 5.26
C CYS B 351 23.82 -5.59 5.29
N GLY B 352 23.01 -6.37 6.01
CA GLY B 352 23.12 -7.81 5.94
C GLY B 352 23.60 -8.49 7.21
N LEU B 353 24.60 -7.93 7.87
CA LEU B 353 25.25 -8.57 8.99
C LEU B 353 24.48 -8.41 10.31
N PHE B 354 23.22 -7.99 10.25
CA PHE B 354 22.38 -7.86 11.43
C PHE B 354 23.00 -6.99 12.51
N SER C 20 -32.87 -6.12 48.73
CA SER C 20 -34.32 -6.02 48.80
C SER C 20 -34.95 -6.19 47.43
N GLU C 21 -35.43 -5.09 46.86
CA GLU C 21 -36.02 -5.14 45.52
C GLU C 21 -34.97 -5.46 44.46
N LEU C 22 -33.70 -5.13 44.72
CA LEU C 22 -32.65 -5.44 43.77
C LEU C 22 -32.50 -6.94 43.56
N ASP C 23 -32.48 -7.72 44.66
CA ASP C 23 -32.39 -9.17 44.54
C ASP C 23 -33.65 -9.75 43.93
N GLN C 24 -34.82 -9.18 44.24
CA GLN C 24 -36.05 -9.62 43.62
C GLN C 24 -36.00 -9.45 42.11
N LEU C 25 -35.51 -8.29 41.65
CA LEU C 25 -35.36 -8.07 40.21
C LEU C 25 -34.33 -9.00 39.60
N ARG C 26 -33.26 -9.29 40.34
CA ARG C 26 -32.26 -10.24 39.82
C ARG C 26 -32.87 -11.62 39.63
N GLN C 27 -33.66 -12.08 40.59
CA GLN C 27 -34.34 -13.37 40.45
C GLN C 27 -35.33 -13.36 39.29
N GLU C 28 -36.07 -12.26 39.14
CA GLU C 28 -37.00 -12.16 38.01
C GLU C 28 -36.27 -12.21 36.68
N ALA C 29 -35.12 -11.53 36.58
CA ALA C 29 -34.34 -11.57 35.35
C ALA C 29 -33.79 -12.96 35.08
N GLU C 30 -33.35 -13.67 36.11
CA GLU C 30 -32.88 -15.03 35.92
C GLU C 30 -34.01 -15.97 35.52
N GLN C 31 -35.24 -15.66 35.91
CA GLN C 31 -36.37 -16.52 35.58
C GLN C 31 -36.83 -16.40 34.12
N LEU C 32 -36.33 -15.43 33.36
CA LEU C 32 -36.74 -15.24 31.99
C LEU C 32 -35.77 -15.83 30.97
N LYS C 33 -34.47 -15.91 31.31
CA LYS C 33 -33.53 -16.59 30.45
C LYS C 33 -33.88 -18.07 30.33
N ASN C 34 -34.33 -18.68 31.42
CA ASN C 34 -34.80 -20.06 31.36
C ASN C 34 -35.99 -20.19 30.42
N GLN C 35 -36.92 -19.23 30.47
CA GLN C 35 -38.08 -19.29 29.60
C GLN C 35 -37.70 -19.18 28.13
N ILE C 36 -36.80 -18.25 27.79
CA ILE C 36 -36.42 -18.10 26.39
C ILE C 36 -35.63 -19.34 25.91
N ARG C 37 -34.78 -19.90 26.77
CA ARG C 37 -34.05 -21.10 26.41
C ARG C 37 -34.99 -22.27 26.16
N ASP C 38 -35.97 -22.47 27.04
CA ASP C 38 -36.92 -23.55 26.85
C ASP C 38 -37.78 -23.32 25.62
N ALA C 39 -38.09 -22.06 25.32
CA ALA C 39 -38.87 -21.75 24.12
C ALA C 39 -38.10 -22.11 22.85
N ARG C 40 -36.81 -21.79 22.81
CA ARG C 40 -36.05 -22.12 21.61
C ARG C 40 -35.51 -23.54 21.61
N LYS C 41 -35.68 -24.29 22.69
CA LYS C 41 -35.38 -25.72 22.66
C LYS C 41 -36.55 -26.55 22.12
N ALA C 42 -37.75 -25.97 22.06
CA ALA C 42 -38.93 -26.67 21.60
C ALA C 42 -39.19 -26.49 20.11
N CYS C 43 -38.32 -25.80 19.40
CA CYS C 43 -38.45 -25.58 17.96
C CYS C 43 -37.21 -26.09 17.23
N ALA C 44 -36.62 -27.17 17.73
CA ALA C 44 -35.39 -27.75 17.22
C ALA C 44 -35.60 -29.23 16.89
N ASP C 45 -36.65 -29.51 16.13
CA ASP C 45 -36.98 -30.90 15.81
C ASP C 45 -35.89 -31.59 15.00
N ALA C 46 -35.30 -30.88 14.04
CA ALA C 46 -34.27 -31.48 13.19
C ALA C 46 -33.01 -30.63 13.16
N THR C 47 -32.07 -30.97 12.28
CA THR C 47 -30.83 -30.23 12.13
C THR C 47 -30.54 -30.01 10.65
N LEU C 48 -29.71 -29.01 10.37
CA LEU C 48 -29.37 -28.70 8.98
C LEU C 48 -28.57 -29.83 8.34
N SER C 49 -27.65 -30.45 9.10
CA SER C 49 -26.90 -31.58 8.56
C SER C 49 -27.79 -32.78 8.26
N GLN C 50 -28.89 -32.93 8.98
CA GLN C 50 -29.82 -34.03 8.77
C GLN C 50 -30.72 -33.81 7.56
N ILE C 51 -30.82 -32.58 7.06
CA ILE C 51 -31.68 -32.30 5.92
C ILE C 51 -30.89 -32.24 4.61
N THR C 52 -29.63 -31.81 4.66
CA THR C 52 -28.79 -31.70 3.47
C THR C 52 -27.88 -32.91 3.30
N ASN C 53 -28.31 -34.09 3.73
CA ASN C 53 -27.49 -35.30 3.64
C ASN C 53 -27.69 -36.06 2.34
N ASN C 54 -28.56 -35.58 1.46
CA ASN C 54 -28.90 -36.29 0.24
C ASN C 54 -28.70 -35.41 -0.99
N ILE C 55 -27.80 -34.44 -0.92
CA ILE C 55 -27.50 -33.60 -2.07
C ILE C 55 -26.03 -33.78 -2.44
N ASP C 56 -25.73 -33.56 -3.71
CA ASP C 56 -24.39 -33.76 -4.23
C ASP C 56 -23.45 -32.66 -3.74
N PRO C 57 -22.25 -33.01 -3.29
CA PRO C 57 -21.30 -31.99 -2.84
C PRO C 57 -20.59 -31.32 -3.99
N VAL C 58 -20.30 -30.03 -3.80
CA VAL C 58 -19.49 -29.30 -4.76
C VAL C 58 -18.07 -29.83 -4.71
N GLY C 59 -17.54 -30.24 -5.85
CA GLY C 59 -16.36 -31.06 -5.86
C GLY C 59 -15.10 -30.42 -5.30
N ARG C 60 -14.51 -29.50 -6.05
CA ARG C 60 -13.27 -28.87 -5.63
C ARG C 60 -13.08 -27.55 -6.35
N ILE C 61 -12.79 -26.50 -5.61
CA ILE C 61 -12.67 -25.16 -6.15
C ILE C 61 -11.18 -24.87 -6.32
N GLN C 62 -10.76 -24.71 -7.57
CA GLN C 62 -9.38 -24.35 -7.89
C GLN C 62 -9.39 -22.92 -8.43
N MET C 63 -9.08 -21.97 -7.57
CA MET C 63 -9.04 -20.57 -7.94
C MET C 63 -7.60 -20.13 -8.17
N ARG C 64 -7.44 -19.07 -8.94
CA ARG C 64 -6.11 -18.59 -9.31
C ARG C 64 -6.08 -17.08 -9.29
N THR C 65 -4.91 -16.53 -8.97
CA THR C 65 -4.71 -15.09 -8.93
C THR C 65 -4.69 -14.53 -10.35
N ARG C 66 -5.49 -13.48 -10.58
CA ARG C 66 -5.56 -12.86 -11.88
C ARG C 66 -4.97 -11.46 -11.93
N ARG C 67 -4.96 -10.74 -10.80
CA ARG C 67 -4.39 -9.41 -10.72
C ARG C 67 -3.71 -9.25 -9.37
N THR C 68 -2.69 -8.39 -9.33
CA THR C 68 -2.03 -8.01 -8.09
C THR C 68 -1.84 -6.51 -8.08
N LEU C 69 -2.41 -5.85 -7.07
CA LEU C 69 -2.42 -4.40 -6.97
C LEU C 69 -1.31 -3.98 -6.01
N ARG C 70 -0.38 -3.15 -6.49
CA ARG C 70 0.78 -2.72 -5.72
C ARG C 70 0.75 -1.21 -5.52
N GLY C 71 1.37 -0.74 -4.44
CA GLY C 71 1.44 0.68 -4.20
C GLY C 71 1.37 1.14 -2.76
N HIS C 72 0.75 0.36 -1.88
CA HIS C 72 0.74 0.72 -0.46
C HIS C 72 2.07 0.34 0.18
N LEU C 73 2.55 1.20 1.08
CA LEU C 73 3.83 1.00 1.73
C LEU C 73 3.72 0.57 3.18
N ALA C 74 2.51 0.24 3.65
CA ALA C 74 2.32 -0.31 4.99
C ALA C 74 1.15 -1.27 4.97
N LYS C 75 0.73 -1.77 6.13
CA LYS C 75 -0.25 -2.83 6.19
C LYS C 75 -1.66 -2.33 5.91
N ILE C 76 -2.37 -3.07 5.06
CA ILE C 76 -3.75 -2.75 4.68
C ILE C 76 -4.68 -3.11 5.82
N TYR C 77 -5.68 -2.26 6.08
CA TYR C 77 -6.63 -2.54 7.14
C TYR C 77 -8.06 -2.76 6.66
N ALA C 78 -8.47 -2.21 5.52
CA ALA C 78 -9.84 -2.34 5.08
C ALA C 78 -9.94 -2.18 3.57
N MET C 79 -11.01 -2.72 3.01
CA MET C 79 -11.35 -2.56 1.60
C MET C 79 -12.85 -2.64 1.41
N HIS C 80 -13.33 -2.09 0.31
CA HIS C 80 -14.74 -2.15 -0.03
C HIS C 80 -14.93 -2.02 -1.53
N TRP C 81 -15.79 -2.88 -2.08
CA TRP C 81 -16.12 -2.90 -3.50
C TRP C 81 -17.17 -1.85 -3.83
N GLY C 82 -17.17 -1.40 -5.10
CA GLY C 82 -18.21 -0.54 -5.59
C GLY C 82 -19.33 -1.30 -6.28
N THR C 83 -20.48 -0.64 -6.44
CA THR C 83 -21.66 -1.29 -6.98
C THR C 83 -21.56 -1.60 -8.47
N ASP C 84 -20.59 -1.03 -9.18
CA ASP C 84 -20.38 -1.37 -10.58
C ASP C 84 -19.45 -2.55 -10.78
N SER C 85 -18.87 -3.06 -9.69
CA SER C 85 -18.00 -4.25 -9.71
C SER C 85 -16.73 -4.02 -10.51
N ARG C 86 -16.24 -2.78 -10.58
CA ARG C 86 -15.00 -2.50 -11.29
C ARG C 86 -14.06 -1.61 -10.47
N LEU C 87 -14.60 -0.79 -9.59
CA LEU C 87 -13.82 0.15 -8.79
C LEU C 87 -13.80 -0.29 -7.33
N LEU C 88 -12.67 -0.07 -6.66
CA LEU C 88 -12.61 -0.41 -5.24
C LEU C 88 -11.72 0.55 -4.47
N VAL C 89 -11.94 0.65 -3.15
CA VAL C 89 -11.24 1.60 -2.29
C VAL C 89 -10.47 0.83 -1.21
N SER C 90 -9.26 1.30 -0.89
CA SER C 90 -8.41 0.63 0.09
C SER C 90 -7.76 1.65 1.01
N ALA C 91 -7.48 1.21 2.25
CA ALA C 91 -6.96 2.04 3.33
C ALA C 91 -5.79 1.36 4.04
N SER C 92 -4.76 2.14 4.35
CA SER C 92 -3.54 1.62 4.95
C SER C 92 -3.00 2.59 6.01
N GLN C 93 -2.12 2.06 6.87
CA GLN C 93 -1.51 2.83 7.95
C GLN C 93 -0.50 3.86 7.45
N ASP C 94 -0.15 3.84 6.17
CA ASP C 94 0.72 4.84 5.57
C ASP C 94 0.06 6.21 5.45
N GLY C 95 -1.23 6.31 5.72
CA GLY C 95 -1.94 7.57 5.64
C GLY C 95 -2.63 7.86 4.34
N LYS C 96 -2.82 6.85 3.48
CA LYS C 96 -3.37 7.05 2.16
C LYS C 96 -4.63 6.24 1.96
N LEU C 97 -5.52 6.78 1.13
CA LEU C 97 -6.73 6.11 0.69
C LEU C 97 -6.69 6.06 -0.83
N ILE C 98 -6.73 4.86 -1.40
CA ILE C 98 -6.47 4.70 -2.83
C ILE C 98 -7.69 4.08 -3.51
N ILE C 99 -8.04 4.59 -4.69
CA ILE C 99 -9.15 4.09 -5.50
C ILE C 99 -8.59 3.41 -6.74
N TRP C 100 -8.98 2.16 -6.97
CA TRP C 100 -8.42 1.28 -7.98
C TRP C 100 -9.45 0.92 -9.04
N ASP C 101 -8.97 0.78 -10.27
CA ASP C 101 -9.68 0.18 -11.39
C ASP C 101 -9.13 -1.23 -11.59
N SER C 102 -9.93 -2.24 -11.26
CA SER C 102 -9.43 -3.61 -11.21
C SER C 102 -9.27 -4.26 -12.58
N TYR C 103 -9.92 -3.75 -13.62
CA TYR C 103 -9.78 -4.34 -14.94
C TYR C 103 -8.43 -4.00 -15.57
N THR C 104 -7.86 -2.84 -15.22
CA THR C 104 -6.65 -2.34 -15.84
C THR C 104 -5.47 -2.27 -14.87
N THR C 105 -5.74 -2.24 -13.56
CA THR C 105 -4.71 -2.14 -12.52
C THR C 105 -3.97 -0.81 -12.58
N ASN C 106 -4.74 0.28 -12.56
CA ASN C 106 -4.17 1.61 -12.48
C ASN C 106 -5.04 2.49 -11.60
N LYS C 107 -4.40 3.50 -11.00
CA LYS C 107 -4.99 4.26 -9.90
C LYS C 107 -5.79 5.46 -10.41
N VAL C 108 -6.91 5.73 -9.74
CA VAL C 108 -7.81 6.82 -10.11
C VAL C 108 -7.65 8.02 -9.18
N HIS C 109 -7.69 7.80 -7.87
CA HIS C 109 -7.49 8.84 -6.87
C HIS C 109 -6.60 8.32 -5.75
N ALA C 110 -5.80 9.23 -5.19
CA ALA C 110 -5.06 9.01 -3.97
C ALA C 110 -5.34 10.16 -3.02
N ILE C 111 -5.79 9.84 -1.81
CA ILE C 111 -6.28 10.83 -0.85
C ILE C 111 -5.42 10.76 0.41
N PRO C 112 -4.81 11.87 0.84
CA PRO C 112 -4.06 11.87 2.10
C PRO C 112 -4.93 12.27 3.29
N LEU C 113 -4.67 11.64 4.41
CA LEU C 113 -5.51 11.74 5.60
C LEU C 113 -4.83 12.56 6.68
N ARG C 114 -5.64 13.29 7.46
CA ARG C 114 -5.12 14.06 8.58
C ARG C 114 -4.56 13.15 9.67
N SER C 115 -5.24 12.06 9.96
CA SER C 115 -4.79 11.06 10.92
C SER C 115 -4.46 9.77 10.19
N SER C 116 -3.33 9.17 10.53
CA SER C 116 -2.84 7.98 9.83
C SER C 116 -3.28 6.68 10.48
N TRP C 117 -4.04 6.73 11.56
CA TRP C 117 -4.44 5.53 12.30
C TRP C 117 -5.85 5.09 11.89
N VAL C 118 -5.98 4.69 10.63
CA VAL C 118 -7.25 4.34 10.03
C VAL C 118 -7.56 2.86 10.28
N MET C 119 -8.83 2.56 10.52
CA MET C 119 -9.27 1.19 10.77
C MET C 119 -10.46 0.75 9.93
N THR C 120 -11.07 1.63 9.13
CA THR C 120 -12.22 1.25 8.33
C THR C 120 -12.38 2.22 7.16
N CYS C 121 -13.13 1.79 6.15
CA CYS C 121 -13.48 2.62 5.01
C CYS C 121 -14.70 2.03 4.32
N ALA C 122 -15.43 2.89 3.60
CA ALA C 122 -16.66 2.48 2.92
C ALA C 122 -16.80 3.23 1.60
N TYR C 123 -17.68 2.73 0.75
CA TYR C 123 -17.93 3.29 -0.57
C TYR C 123 -19.43 3.49 -0.74
N ALA C 124 -19.84 4.66 -1.25
CA ALA C 124 -21.27 4.96 -1.36
C ALA C 124 -21.89 4.21 -2.54
N PRO C 125 -23.13 3.74 -2.40
CA PRO C 125 -23.78 3.04 -3.52
C PRO C 125 -23.90 3.88 -4.78
N SER C 126 -24.15 5.18 -4.62
CA SER C 126 -24.20 6.07 -5.78
C SER C 126 -22.83 6.19 -6.45
N GLY C 127 -21.77 6.23 -5.66
CA GLY C 127 -20.43 6.41 -6.17
C GLY C 127 -19.87 7.80 -6.05
N ASN C 128 -20.52 8.68 -5.30
CA ASN C 128 -20.09 10.06 -5.17
C ASN C 128 -19.25 10.34 -3.93
N TYR C 129 -19.26 9.46 -2.93
CA TYR C 129 -18.61 9.75 -1.66
C TYR C 129 -17.86 8.52 -1.15
N VAL C 130 -16.89 8.78 -0.27
CA VAL C 130 -16.24 7.73 0.51
C VAL C 130 -16.14 8.18 1.97
N ALA C 131 -15.83 7.25 2.86
CA ALA C 131 -15.78 7.52 4.29
C ALA C 131 -14.59 6.81 4.92
N CYS C 132 -14.07 7.36 6.01
CA CYS C 132 -12.98 6.71 6.73
C CYS C 132 -12.99 7.12 8.19
N GLY C 133 -12.29 6.34 9.01
CA GLY C 133 -12.20 6.60 10.44
C GLY C 133 -11.20 5.69 11.10
N GLY C 134 -10.95 5.95 12.38
CA GLY C 134 -9.95 5.20 13.12
C GLY C 134 -9.81 5.59 14.58
N LEU C 135 -8.58 5.81 15.05
CA LEU C 135 -8.31 6.11 16.45
C LEU C 135 -8.50 7.57 16.81
N ASP C 136 -8.88 8.43 15.87
CA ASP C 136 -9.16 9.82 16.16
C ASP C 136 -10.57 10.06 16.65
N ASN C 137 -11.41 9.02 16.69
CA ASN C 137 -12.79 9.07 17.15
C ASN C 137 -13.69 9.94 16.27
N ILE C 138 -13.34 10.11 14.99
CA ILE C 138 -14.10 10.93 14.05
C ILE C 138 -14.32 10.13 12.77
N CYS C 139 -15.49 10.31 12.16
CA CYS C 139 -15.79 9.75 10.85
C CYS C 139 -15.74 10.87 9.80
N SER C 140 -14.87 10.73 8.81
CA SER C 140 -14.67 11.75 7.80
C SER C 140 -15.27 11.31 6.48
N ILE C 141 -15.98 12.23 5.82
CA ILE C 141 -16.68 11.96 4.56
C ILE C 141 -16.04 12.79 3.45
N TYR C 142 -15.72 12.14 2.33
CA TYR C 142 -14.99 12.75 1.23
C TYR C 142 -15.84 12.76 -0.03
N ASN C 143 -15.85 13.92 -0.70
CA ASN C 143 -16.57 14.15 -1.95
C ASN C 143 -15.65 13.91 -3.14
N LEU C 144 -16.11 13.11 -4.09
CA LEU C 144 -15.28 12.70 -5.22
C LEU C 144 -15.54 13.49 -6.49
N LYS C 145 -16.67 14.20 -6.58
CA LYS C 145 -17.09 14.82 -7.83
C LYS C 145 -17.31 16.31 -7.59
N THR C 146 -16.31 17.12 -7.92
CA THR C 146 -16.34 18.56 -7.72
C THR C 146 -16.00 19.26 -9.03
N ARG C 147 -16.32 20.56 -9.09
CA ARG C 147 -15.98 21.34 -10.28
C ARG C 147 -14.47 21.48 -10.44
N GLU C 148 -13.76 21.73 -9.36
CA GLU C 148 -12.32 21.55 -9.36
C GLU C 148 -12.00 20.05 -9.40
N GLY C 149 -10.82 19.73 -9.88
CA GLY C 149 -10.50 18.34 -10.08
C GLY C 149 -10.05 17.56 -8.86
N ASN C 150 -9.97 18.20 -7.69
CA ASN C 150 -9.44 17.53 -6.52
C ASN C 150 -10.55 16.87 -5.70
N VAL C 151 -10.14 16.17 -4.65
CA VAL C 151 -11.04 15.56 -3.69
C VAL C 151 -10.94 16.34 -2.39
N ARG C 152 -12.08 16.70 -1.79
CA ARG C 152 -12.08 17.50 -0.58
C ARG C 152 -13.06 16.93 0.43
N VAL C 153 -12.82 17.26 1.69
CA VAL C 153 -13.63 16.79 2.82
C VAL C 153 -14.95 17.55 2.85
N SER C 154 -16.03 16.83 3.13
CA SER C 154 -17.36 17.42 3.26
C SER C 154 -17.80 17.56 4.70
N ARG C 155 -17.65 16.51 5.50
CA ARG C 155 -18.08 16.54 6.89
C ARG C 155 -17.11 15.75 7.75
N GLU C 156 -16.96 16.21 8.99
CA GLU C 156 -16.25 15.51 10.07
C GLU C 156 -17.28 15.26 11.17
N LEU C 157 -17.75 14.03 11.30
CA LEU C 157 -18.73 13.66 12.31
C LEU C 157 -17.99 13.26 13.59
N ALA C 158 -18.29 13.97 14.69
CA ALA C 158 -17.53 13.86 15.94
C ALA C 158 -18.50 13.85 17.12
N GLY C 159 -18.83 12.66 17.60
CA GLY C 159 -19.59 12.52 18.83
C GLY C 159 -19.25 11.33 19.69
N HIS C 160 -18.40 10.42 19.19
CA HIS C 160 -18.09 9.19 19.90
C HIS C 160 -16.99 9.42 20.93
N THR C 161 -16.83 8.45 21.82
CA THR C 161 -15.80 8.48 22.85
C THR C 161 -14.77 7.37 22.71
N GLY C 162 -14.94 6.46 21.74
CA GLY C 162 -13.95 5.45 21.44
C GLY C 162 -13.65 5.41 19.96
N TYR C 163 -12.73 4.52 19.60
CA TYR C 163 -12.33 4.38 18.20
C TYR C 163 -13.47 3.79 17.38
N LEU C 164 -13.55 4.21 16.12
CA LEU C 164 -14.55 3.70 15.20
C LEU C 164 -14.06 2.41 14.57
N SER C 165 -14.90 1.38 14.58
CA SER C 165 -14.51 0.08 14.05
C SER C 165 -15.14 -0.26 12.70
N CYS C 166 -16.29 0.32 12.35
CA CYS C 166 -16.93 0.03 11.08
C CYS C 166 -17.88 1.17 10.72
N CYS C 167 -18.20 1.27 9.43
CA CYS C 167 -19.17 2.24 8.96
C CYS C 167 -19.74 1.78 7.62
N ARG C 168 -21.01 2.12 7.39
CA ARG C 168 -21.72 1.72 6.18
C ARG C 168 -22.73 2.80 5.80
N PHE C 169 -22.76 3.16 4.53
CA PHE C 169 -23.73 4.12 4.03
C PHE C 169 -25.10 3.47 3.91
N LEU C 170 -26.15 4.27 4.06
CA LEU C 170 -27.50 3.91 3.67
C LEU C 170 -27.95 4.61 2.40
N ASP C 171 -27.60 5.89 2.26
CA ASP C 171 -27.79 6.66 1.04
C ASP C 171 -26.78 7.81 1.10
N ASP C 172 -26.99 8.84 0.29
CA ASP C 172 -26.06 9.95 0.27
C ASP C 172 -26.16 10.85 1.50
N ASN C 173 -27.14 10.64 2.38
CA ASN C 173 -27.34 11.56 3.49
C ASN C 173 -27.46 10.82 4.82
N GLN C 174 -27.33 9.49 4.83
CA GLN C 174 -27.39 8.72 6.06
C GLN C 174 -26.22 7.76 6.16
N ILE C 175 -25.65 7.64 7.37
CA ILE C 175 -24.56 6.71 7.62
C ILE C 175 -24.72 6.13 9.02
N VAL C 176 -24.23 4.90 9.19
CA VAL C 176 -24.29 4.16 10.46
C VAL C 176 -22.88 3.82 10.89
N THR C 177 -22.57 4.06 12.17
CA THR C 177 -21.24 3.83 12.71
C THR C 177 -21.31 2.98 13.98
N SER C 178 -20.22 2.24 14.22
CA SER C 178 -20.07 1.45 15.45
C SER C 178 -18.74 1.78 16.08
N SER C 179 -18.72 1.94 17.41
CA SER C 179 -17.53 2.41 18.09
C SER C 179 -17.13 1.45 19.21
N GLY C 180 -15.91 1.64 19.69
CA GLY C 180 -15.38 0.88 20.80
C GLY C 180 -15.72 1.47 22.15
N ASP C 181 -16.74 2.31 22.20
CA ASP C 181 -17.30 2.80 23.45
C ASP C 181 -18.66 2.19 23.73
N THR C 182 -18.94 1.03 23.13
CA THR C 182 -20.16 0.25 23.38
C THR C 182 -21.39 1.01 22.88
N THR C 183 -21.37 1.36 21.59
CA THR C 183 -22.47 2.15 21.02
C THR C 183 -22.39 2.16 19.50
N CYS C 184 -23.56 2.06 18.86
CA CYS C 184 -23.72 2.37 17.46
C CYS C 184 -24.57 3.64 17.31
N ALA C 185 -24.47 4.28 16.14
CA ALA C 185 -25.14 5.55 15.92
C ALA C 185 -25.58 5.69 14.48
N LEU C 186 -26.63 6.48 14.28
CA LEU C 186 -27.15 6.84 12.96
C LEU C 186 -27.07 8.34 12.78
N TRP C 187 -26.45 8.80 11.70
CA TRP C 187 -26.12 10.21 11.52
C TRP C 187 -26.92 10.83 10.38
N ASP C 188 -27.06 12.15 10.45
CA ASP C 188 -27.54 12.97 9.34
C ASP C 188 -26.38 13.82 8.85
N ILE C 189 -25.96 13.62 7.61
CA ILE C 189 -24.70 14.19 7.13
C ILE C 189 -24.83 15.70 6.95
N GLU C 190 -25.96 16.17 6.43
CA GLU C 190 -26.11 17.60 6.16
C GLU C 190 -26.06 18.42 7.46
N THR C 191 -26.86 18.03 8.45
CA THR C 191 -26.87 18.76 9.72
C THR C 191 -25.61 18.47 10.52
N GLY C 192 -25.16 17.23 10.54
CA GLY C 192 -24.02 16.82 11.34
C GLY C 192 -24.33 16.17 12.66
N GLN C 193 -25.59 15.85 12.93
CA GLN C 193 -26.03 15.33 14.21
C GLN C 193 -26.39 13.86 14.09
N GLN C 194 -26.47 13.18 15.24
CA GLN C 194 -26.88 11.79 15.28
C GLN C 194 -28.34 11.70 15.73
N THR C 195 -29.19 11.17 14.86
CA THR C 195 -30.61 11.09 15.13
C THR C 195 -30.94 9.98 16.11
N THR C 196 -30.22 8.86 16.05
CA THR C 196 -30.50 7.71 16.90
C THR C 196 -29.20 7.13 17.44
N THR C 197 -29.23 6.72 18.70
CA THR C 197 -28.12 6.05 19.36
C THR C 197 -28.59 4.68 19.83
N PHE C 198 -27.83 3.64 19.49
CA PHE C 198 -28.13 2.26 19.88
C PHE C 198 -27.14 1.85 20.96
N THR C 199 -27.66 1.59 22.17
CA THR C 199 -26.86 1.26 23.34
C THR C 199 -27.47 0.03 24.02
N GLY C 200 -26.88 -1.14 23.81
CA GLY C 200 -27.28 -2.32 24.55
C GLY C 200 -26.16 -3.28 24.90
N HIS C 201 -24.96 -3.04 24.38
CA HIS C 201 -23.87 -4.00 24.50
C HIS C 201 -23.15 -3.84 25.83
N THR C 202 -22.09 -4.64 26.01
CA THR C 202 -21.25 -4.58 27.21
C THR C 202 -19.78 -4.40 26.90
N GLY C 203 -19.30 -4.74 25.71
CA GLY C 203 -17.94 -4.48 25.32
C GLY C 203 -17.81 -3.70 24.04
N ASP C 204 -16.62 -3.67 23.45
CA ASP C 204 -16.39 -2.97 22.20
C ASP C 204 -17.14 -3.65 21.06
N VAL C 205 -17.76 -2.85 20.20
CA VAL C 205 -18.45 -3.35 19.01
C VAL C 205 -17.47 -3.35 17.85
N MET C 206 -17.32 -4.49 17.19
CA MET C 206 -16.26 -4.64 16.21
C MET C 206 -16.73 -4.73 14.77
N SER C 207 -17.99 -5.03 14.51
CA SER C 207 -18.41 -5.26 13.13
C SER C 207 -19.88 -4.90 12.94
N LEU C 208 -20.22 -4.54 11.70
CA LEU C 208 -21.56 -4.14 11.29
C LEU C 208 -21.94 -4.92 10.05
N SER C 209 -23.25 -4.92 9.74
CA SER C 209 -23.75 -5.46 8.49
C SER C 209 -25.16 -4.97 8.21
N LEU C 210 -25.40 -4.46 7.01
CA LEU C 210 -26.70 -3.93 6.61
C LEU C 210 -27.50 -4.99 5.85
N ALA C 211 -28.80 -5.04 6.11
CA ALA C 211 -29.68 -5.94 5.38
C ALA C 211 -29.86 -5.46 3.95
N PRO C 212 -30.23 -6.36 3.04
CA PRO C 212 -30.45 -5.95 1.65
C PRO C 212 -31.51 -4.87 1.48
N ASP C 213 -32.55 -4.87 2.31
CA ASP C 213 -33.61 -3.87 2.20
C ASP C 213 -33.33 -2.60 2.99
N THR C 214 -32.22 -2.55 3.72
CA THR C 214 -31.79 -1.34 4.44
C THR C 214 -32.88 -0.89 5.43
N ARG C 215 -33.33 -1.86 6.22
CA ARG C 215 -34.36 -1.62 7.22
C ARG C 215 -34.00 -2.19 8.58
N LEU C 216 -32.86 -2.86 8.72
CA LEU C 216 -32.43 -3.49 9.96
C LEU C 216 -31.01 -3.96 9.77
N PHE C 217 -30.26 -4.03 10.88
CA PHE C 217 -28.84 -4.38 10.80
C PHE C 217 -28.42 -5.17 12.04
N VAL C 218 -27.30 -5.89 11.90
CA VAL C 218 -26.77 -6.75 12.95
C VAL C 218 -25.40 -6.24 13.37
N SER C 219 -25.05 -6.49 14.63
CA SER C 219 -23.76 -6.09 15.16
C SER C 219 -23.19 -7.17 16.07
N GLY C 220 -21.87 -7.24 16.13
CA GLY C 220 -21.20 -8.16 17.01
C GLY C 220 -20.11 -7.46 17.81
N ALA C 221 -19.92 -7.92 19.06
CA ALA C 221 -19.10 -7.22 20.02
C ALA C 221 -18.16 -8.18 20.75
N CYS C 222 -17.42 -7.63 21.70
CA CYS C 222 -16.44 -8.35 22.49
C CYS C 222 -17.03 -9.06 23.69
N ASP C 223 -18.33 -8.96 23.92
CA ASP C 223 -19.02 -9.74 24.93
C ASP C 223 -19.51 -11.07 24.38
N ALA C 224 -19.02 -11.48 23.21
CA ALA C 224 -19.40 -12.74 22.56
C ALA C 224 -20.90 -12.82 22.29
N SER C 225 -21.48 -11.72 21.82
CA SER C 225 -22.90 -11.66 21.52
C SER C 225 -23.12 -10.92 20.22
N ALA C 226 -24.24 -11.24 19.57
CA ALA C 226 -24.67 -10.55 18.36
C ALA C 226 -26.09 -10.04 18.56
N LYS C 227 -26.39 -8.86 18.02
CA LYS C 227 -27.67 -8.22 18.26
C LYS C 227 -28.27 -7.71 16.94
N LEU C 228 -29.59 -7.74 16.88
CA LEU C 228 -30.35 -7.29 15.73
C LEU C 228 -31.13 -6.03 16.08
N TRP C 229 -31.11 -5.04 15.18
CA TRP C 229 -31.67 -3.72 15.46
C TRP C 229 -32.71 -3.33 14.43
N ASP C 230 -33.52 -2.34 14.80
CA ASP C 230 -34.46 -1.68 13.90
C ASP C 230 -34.00 -0.24 13.74
N VAL C 231 -33.82 0.19 12.49
CA VAL C 231 -33.27 1.52 12.23
C VAL C 231 -34.29 2.60 12.57
N ARG C 232 -35.55 2.40 12.20
CA ARG C 232 -36.56 3.44 12.39
C ARG C 232 -36.90 3.62 13.86
N GLU C 233 -37.46 2.59 14.49
CA GLU C 233 -37.88 2.71 15.88
C GLU C 233 -36.69 2.94 16.80
N GLY C 234 -35.61 2.20 16.60
CA GLY C 234 -34.39 2.40 17.35
C GLY C 234 -34.16 1.49 18.53
N MET C 235 -34.69 0.27 18.50
CA MET C 235 -34.60 -0.63 19.64
C MET C 235 -34.04 -1.98 19.20
N CYS C 236 -33.73 -2.81 20.19
CA CYS C 236 -33.14 -4.12 19.94
C CYS C 236 -34.21 -5.19 19.90
N ARG C 237 -34.15 -6.06 18.89
CA ARG C 237 -35.15 -7.09 18.67
C ARG C 237 -34.71 -8.47 19.17
N GLN C 238 -33.48 -8.89 18.87
CA GLN C 238 -33.06 -10.24 19.16
C GLN C 238 -31.58 -10.25 19.54
N THR C 239 -31.22 -11.23 20.36
CA THR C 239 -29.86 -11.44 20.86
C THR C 239 -29.45 -12.88 20.62
N PHE C 240 -28.21 -13.07 20.17
CA PHE C 240 -27.68 -14.39 19.83
C PHE C 240 -26.36 -14.61 20.56
N THR C 241 -26.22 -15.77 21.21
CA THR C 241 -25.07 -16.07 22.08
C THR C 241 -24.65 -17.51 21.85
N GLY C 242 -23.60 -17.73 21.07
CA GLY C 242 -23.01 -19.05 20.94
C GLY C 242 -21.51 -19.14 21.13
N HIS C 243 -20.79 -18.05 20.89
CA HIS C 243 -19.34 -18.10 20.77
C HIS C 243 -18.68 -18.18 22.15
N GLU C 244 -17.35 -18.23 22.16
CA GLU C 244 -16.59 -18.32 23.41
C GLU C 244 -15.49 -17.28 23.51
N SER C 245 -15.42 -16.33 22.58
CA SER C 245 -14.43 -15.26 22.61
C SER C 245 -14.98 -14.09 21.80
N ASP C 246 -14.12 -13.13 21.50
CA ASP C 246 -14.55 -11.93 20.79
C ASP C 246 -15.02 -12.25 19.38
N ILE C 247 -16.00 -11.48 18.91
CA ILE C 247 -16.54 -11.61 17.57
C ILE C 247 -15.95 -10.50 16.71
N ASN C 248 -15.34 -10.86 15.59
CA ASN C 248 -14.60 -9.91 14.77
C ASN C 248 -15.19 -9.66 13.39
N ALA C 249 -16.16 -10.44 12.94
CA ALA C 249 -16.72 -10.29 11.60
C ALA C 249 -18.16 -10.78 11.57
N ILE C 250 -18.95 -10.21 10.67
CA ILE C 250 -20.38 -10.53 10.58
C ILE C 250 -20.84 -10.23 9.17
N CYS C 251 -21.84 -11.00 8.70
CA CYS C 251 -22.32 -10.85 7.33
C CYS C 251 -23.68 -11.49 7.15
N PHE C 252 -24.54 -10.86 6.35
CA PHE C 252 -25.87 -11.37 6.06
C PHE C 252 -25.87 -12.39 4.91
N PHE C 253 -26.81 -13.32 4.99
CA PHE C 253 -27.14 -14.19 3.87
C PHE C 253 -27.83 -13.36 2.78
N PRO C 254 -27.65 -13.74 1.51
CA PRO C 254 -28.28 -12.96 0.42
C PRO C 254 -29.78 -12.84 0.54
N ASN C 255 -30.43 -13.84 1.13
CA ASN C 255 -31.88 -13.79 1.35
C ASN C 255 -32.26 -12.65 2.29
N GLY C 256 -31.49 -12.45 3.35
CA GLY C 256 -31.85 -11.56 4.42
C GLY C 256 -32.49 -12.23 5.62
N ASN C 257 -32.45 -13.55 5.69
CA ASN C 257 -33.06 -14.31 6.79
C ASN C 257 -32.05 -15.09 7.61
N ALA C 258 -30.75 -14.87 7.41
CA ALA C 258 -29.73 -15.59 8.13
C ALA C 258 -28.44 -14.77 8.11
N PHE C 259 -27.51 -15.12 8.98
CA PHE C 259 -26.23 -14.42 8.96
C PHE C 259 -25.14 -15.32 9.54
N ALA C 260 -23.89 -14.88 9.38
CA ALA C 260 -22.71 -15.65 9.76
C ALA C 260 -21.75 -14.79 10.58
N THR C 261 -21.03 -15.43 11.49
CA THR C 261 -20.13 -14.74 12.40
C THR C 261 -18.80 -15.46 12.50
N GLY C 262 -17.74 -14.70 12.73
CA GLY C 262 -16.42 -15.25 12.96
C GLY C 262 -15.80 -14.66 14.22
N SER C 263 -14.99 -15.47 14.89
CA SER C 263 -14.52 -15.16 16.24
C SER C 263 -13.05 -15.53 16.40
N ASP C 264 -12.54 -15.30 17.62
CA ASP C 264 -11.17 -15.63 17.97
C ASP C 264 -11.00 -17.06 18.49
N ASP C 265 -12.07 -17.86 18.55
CA ASP C 265 -11.99 -19.24 19.02
C ASP C 265 -11.89 -20.23 17.86
N ALA C 266 -11.42 -19.78 16.70
CA ALA C 266 -11.15 -20.63 15.55
C ALA C 266 -12.39 -21.34 15.04
N THR C 267 -13.56 -20.71 15.14
CA THR C 267 -14.79 -21.24 14.58
C THR C 267 -15.55 -20.14 13.85
N CYS C 268 -16.42 -20.56 12.92
CA CYS C 268 -17.43 -19.68 12.35
C CYS C 268 -18.79 -20.28 12.64
N ARG C 269 -19.82 -19.43 12.74
CA ARG C 269 -21.14 -19.92 13.08
C ARG C 269 -22.20 -19.29 12.18
N LEU C 270 -23.28 -20.04 11.96
CA LEU C 270 -24.42 -19.60 11.16
C LEU C 270 -25.65 -19.48 12.04
N PHE C 271 -26.25 -18.30 12.08
CA PHE C 271 -27.43 -18.01 12.88
C PHE C 271 -28.62 -17.71 11.99
N ASP C 272 -29.80 -18.06 12.49
CA ASP C 272 -31.08 -17.86 11.82
C ASP C 272 -31.92 -16.84 12.58
N LEU C 273 -32.73 -16.08 11.84
CA LEU C 273 -33.55 -15.06 12.45
C LEU C 273 -34.92 -15.58 12.87
N ARG C 274 -35.64 -16.28 11.98
CA ARG C 274 -37.01 -16.66 12.29
C ARG C 274 -37.08 -17.80 13.31
N ALA C 275 -36.08 -18.67 13.37
CA ALA C 275 -36.05 -19.72 14.37
C ALA C 275 -35.34 -19.31 15.65
N ASP C 276 -34.53 -18.24 15.60
CA ASP C 276 -33.95 -17.61 16.79
C ASP C 276 -32.94 -18.50 17.49
N GLN C 277 -32.07 -19.14 16.71
CA GLN C 277 -31.04 -20.00 17.25
C GLN C 277 -30.02 -20.33 16.16
N GLU C 278 -29.13 -21.27 16.48
CA GLU C 278 -27.96 -21.60 15.69
C GLU C 278 -28.21 -22.81 14.80
N LEU C 279 -27.61 -22.81 13.62
CA LEU C 279 -27.79 -23.87 12.63
C LEU C 279 -26.55 -24.69 12.35
N MET C 280 -25.35 -24.08 12.37
CA MET C 280 -24.16 -24.81 11.96
C MET C 280 -22.90 -24.13 12.46
N THR C 281 -21.90 -24.96 12.74
CA THR C 281 -20.56 -24.54 13.15
C THR C 281 -19.54 -25.02 12.12
N TYR C 282 -18.55 -24.18 11.83
CA TYR C 282 -17.48 -24.49 10.90
C TYR C 282 -16.16 -24.43 11.64
N SER C 283 -15.47 -25.57 11.72
CA SER C 283 -14.24 -25.70 12.50
C SER C 283 -13.49 -26.94 12.04
N HIS C 284 -12.20 -26.97 12.36
CA HIS C 284 -11.31 -28.08 12.04
C HIS C 284 -10.26 -28.19 13.14
N ASP C 285 -9.71 -29.39 13.31
CA ASP C 285 -8.75 -29.63 14.38
C ASP C 285 -7.36 -29.08 14.08
N ASN C 286 -7.03 -28.82 12.82
CA ASN C 286 -5.75 -28.23 12.46
C ASN C 286 -5.76 -26.71 12.47
N ILE C 287 -6.89 -26.08 12.78
CA ILE C 287 -7.01 -24.63 12.80
C ILE C 287 -7.12 -24.21 14.27
N ILE C 288 -6.18 -23.37 14.71
CA ILE C 288 -6.15 -22.90 16.09
C ILE C 288 -6.04 -21.39 16.21
N CYS C 289 -6.07 -20.65 15.10
CA CYS C 289 -5.97 -19.21 15.11
C CYS C 289 -7.35 -18.59 14.87
N GLY C 290 -7.42 -17.26 14.92
CA GLY C 290 -8.68 -16.57 14.81
C GLY C 290 -9.08 -16.23 13.38
N ILE C 291 -10.31 -15.72 13.24
CA ILE C 291 -10.87 -15.32 11.96
C ILE C 291 -10.98 -13.80 11.93
N THR C 292 -10.52 -13.20 10.84
CA THR C 292 -10.56 -11.76 10.65
C THR C 292 -11.76 -11.28 9.85
N SER C 293 -12.21 -12.04 8.85
CA SER C 293 -13.28 -11.57 7.99
C SER C 293 -14.09 -12.74 7.45
N VAL C 294 -15.33 -12.44 7.02
CA VAL C 294 -16.25 -13.41 6.43
C VAL C 294 -16.99 -12.76 5.27
N SER C 295 -17.37 -13.58 4.30
CA SER C 295 -18.24 -13.15 3.21
C SER C 295 -18.90 -14.35 2.56
N PHE C 296 -19.96 -14.10 1.81
CA PHE C 296 -20.74 -15.13 1.15
C PHE C 296 -20.57 -15.03 -0.36
N SER C 297 -21.03 -16.08 -1.05
CA SER C 297 -21.10 -16.10 -2.50
C SER C 297 -22.48 -15.62 -2.95
N LYS C 298 -22.60 -15.36 -4.26
CA LYS C 298 -23.83 -14.76 -4.78
C LYS C 298 -25.03 -15.68 -4.59
N SER C 299 -24.86 -16.98 -4.82
CA SER C 299 -25.94 -17.92 -4.60
C SER C 299 -26.18 -18.19 -3.12
N GLY C 300 -25.12 -18.12 -2.31
CA GLY C 300 -25.20 -18.48 -0.91
C GLY C 300 -24.66 -19.84 -0.56
N ARG C 301 -24.01 -20.52 -1.50
CA ARG C 301 -23.55 -21.89 -1.27
C ARG C 301 -22.14 -21.97 -0.73
N LEU C 302 -21.29 -21.00 -1.05
CA LEU C 302 -19.92 -20.96 -0.54
C LEU C 302 -19.80 -19.88 0.53
N LEU C 303 -18.98 -20.15 1.54
CA LEU C 303 -18.67 -19.19 2.59
C LEU C 303 -17.16 -19.03 2.66
N LEU C 304 -16.69 -17.81 2.48
CA LEU C 304 -15.27 -17.51 2.48
C LEU C 304 -14.86 -16.90 3.81
N ALA C 305 -13.77 -17.39 4.39
CA ALA C 305 -13.29 -16.90 5.67
C ALA C 305 -11.80 -16.62 5.59
N GLY C 306 -11.37 -15.57 6.30
CA GLY C 306 -9.98 -15.15 6.32
C GLY C 306 -9.36 -15.39 7.68
N TYR C 307 -8.15 -15.91 7.71
CA TYR C 307 -7.48 -16.33 8.92
C TYR C 307 -6.15 -15.60 9.06
N ASP C 308 -5.63 -15.59 10.29
CA ASP C 308 -4.32 -15.01 10.54
C ASP C 308 -3.20 -16.06 10.54
N ASP C 309 -3.38 -17.18 9.83
CA ASP C 309 -2.27 -18.03 9.42
C ASP C 309 -1.96 -17.87 7.94
N PHE C 310 -2.25 -16.69 7.38
CA PHE C 310 -1.80 -16.18 6.10
C PHE C 310 -2.59 -16.67 4.89
N ASN C 311 -3.71 -17.36 5.06
CA ASN C 311 -4.47 -17.83 3.91
C ASN C 311 -5.97 -17.79 4.22
N CYS C 312 -6.76 -18.08 3.19
CA CYS C 312 -8.21 -18.01 3.24
C CYS C 312 -8.81 -19.39 2.96
N ASN C 313 -9.98 -19.65 3.54
CA ASN C 313 -10.63 -20.95 3.42
C ASN C 313 -12.01 -20.80 2.80
N VAL C 314 -12.41 -21.81 2.03
CA VAL C 314 -13.71 -21.85 1.38
C VAL C 314 -14.50 -23.02 1.96
N TRP C 315 -15.73 -22.75 2.39
CA TRP C 315 -16.57 -23.74 3.06
C TRP C 315 -17.85 -23.96 2.27
N ASP C 316 -18.31 -25.21 2.26
CA ASP C 316 -19.64 -25.55 1.77
C ASP C 316 -20.65 -25.22 2.86
N ALA C 317 -21.44 -24.15 2.64
CA ALA C 317 -22.29 -23.64 3.70
C ALA C 317 -23.44 -24.57 4.05
N LEU C 318 -23.76 -25.53 3.21
CA LEU C 318 -24.86 -26.44 3.49
C LEU C 318 -24.40 -27.77 4.08
N LYS C 319 -23.10 -28.06 4.07
CA LYS C 319 -22.62 -29.37 4.52
C LYS C 319 -21.44 -29.31 5.47
N ALA C 320 -20.92 -28.13 5.81
CA ALA C 320 -19.82 -27.98 6.76
C ALA C 320 -18.60 -28.78 6.33
N ASP C 321 -18.15 -28.51 5.11
CA ASP C 321 -17.01 -29.18 4.52
C ASP C 321 -16.08 -28.13 3.92
N ARG C 322 -14.80 -28.46 3.84
CA ARG C 322 -13.81 -27.56 3.27
C ARG C 322 -13.62 -27.90 1.79
N ALA C 323 -13.88 -26.93 0.93
CA ALA C 323 -13.84 -27.14 -0.51
C ALA C 323 -12.66 -26.47 -1.19
N GLY C 324 -11.84 -25.72 -0.46
CA GLY C 324 -10.70 -25.08 -1.09
C GLY C 324 -9.93 -24.11 -0.23
N VAL C 325 -8.69 -23.82 -0.65
CA VAL C 325 -7.78 -22.95 0.08
C VAL C 325 -7.27 -21.89 -0.88
N LEU C 326 -7.12 -20.67 -0.37
CA LEU C 326 -6.57 -19.54 -1.12
C LEU C 326 -5.28 -19.12 -0.43
N ALA C 327 -4.14 -19.43 -1.06
CA ALA C 327 -2.82 -19.17 -0.51
C ALA C 327 -2.05 -18.27 -1.46
N GLY C 328 -1.14 -17.48 -0.90
CA GLY C 328 -0.41 -16.51 -1.69
C GLY C 328 -0.08 -15.22 -0.97
N HIS C 329 -0.50 -15.09 0.28
CA HIS C 329 -0.14 -13.95 1.11
C HIS C 329 0.95 -14.34 2.10
N ASP C 330 1.83 -13.39 2.37
CA ASP C 330 2.98 -13.61 3.25
C ASP C 330 2.72 -13.21 4.69
N ASN C 331 1.57 -12.61 4.99
CA ASN C 331 1.25 -12.17 6.33
C ASN C 331 -0.25 -12.32 6.55
N ARG C 332 -0.74 -11.70 7.62
CA ARG C 332 -2.12 -11.86 8.05
C ARG C 332 -3.10 -11.31 7.02
N VAL C 333 -4.19 -12.04 6.77
CA VAL C 333 -5.24 -11.60 5.87
C VAL C 333 -6.22 -10.73 6.66
N SER C 334 -6.39 -9.49 6.22
CA SER C 334 -7.15 -8.51 6.97
C SER C 334 -8.58 -8.30 6.49
N CYS C 335 -8.84 -8.44 5.19
CA CYS C 335 -10.16 -8.13 4.66
C CYS C 335 -10.35 -8.85 3.34
N LEU C 336 -11.62 -9.10 3.01
CA LEU C 336 -11.97 -9.73 1.75
C LEU C 336 -13.36 -9.29 1.32
N GLY C 337 -13.64 -9.45 0.03
CA GLY C 337 -14.91 -9.00 -0.51
C GLY C 337 -15.25 -9.69 -1.81
N VAL C 338 -16.56 -9.83 -2.05
CA VAL C 338 -17.10 -10.44 -3.26
C VAL C 338 -17.92 -9.39 -4.00
N THR C 339 -17.81 -9.37 -5.33
CA THR C 339 -18.48 -8.38 -6.16
C THR C 339 -20.00 -8.60 -6.17
N ASP C 340 -20.72 -7.60 -6.68
CA ASP C 340 -22.18 -7.70 -6.75
C ASP C 340 -22.63 -8.62 -7.87
N ASP C 341 -21.84 -8.77 -8.93
CA ASP C 341 -22.16 -9.74 -9.96
C ASP C 341 -21.59 -11.12 -9.68
N GLY C 342 -20.74 -11.26 -8.66
CA GLY C 342 -20.22 -12.55 -8.28
C GLY C 342 -19.12 -13.10 -9.15
N MET C 343 -18.31 -12.24 -9.75
CA MET C 343 -17.29 -12.65 -10.71
C MET C 343 -15.90 -12.80 -10.12
N ALA C 344 -15.61 -12.16 -8.99
CA ALA C 344 -14.26 -12.19 -8.44
C ALA C 344 -14.31 -12.00 -6.94
N VAL C 345 -13.19 -12.33 -6.29
CA VAL C 345 -13.00 -12.15 -4.86
C VAL C 345 -11.71 -11.37 -4.65
N ALA C 346 -11.70 -10.46 -3.68
CA ALA C 346 -10.51 -9.67 -3.40
C ALA C 346 -10.08 -9.83 -1.95
N THR C 347 -8.77 -9.97 -1.75
CA THR C 347 -8.16 -10.14 -0.43
C THR C 347 -7.09 -9.09 -0.20
N GLY C 348 -7.07 -8.53 1.01
CA GLY C 348 -6.03 -7.62 1.44
C GLY C 348 -5.22 -8.20 2.58
N SER C 349 -4.06 -7.65 2.89
CA SER C 349 -3.20 -8.29 3.87
C SER C 349 -2.25 -7.29 4.49
N TRP C 350 -1.59 -7.74 5.56
CA TRP C 350 -0.60 -6.98 6.31
C TRP C 350 0.74 -6.90 5.59
N ASP C 351 0.89 -7.56 4.44
CA ASP C 351 2.09 -7.46 3.63
C ASP C 351 2.00 -6.35 2.59
N SER C 352 0.94 -5.55 2.63
CA SER C 352 0.74 -4.38 1.76
C SER C 352 0.44 -4.77 0.32
N PHE C 353 -0.35 -5.83 0.13
CA PHE C 353 -0.75 -6.24 -1.20
C PHE C 353 -2.25 -6.57 -1.23
N LEU C 354 -2.84 -6.39 -2.40
CA LEU C 354 -4.21 -6.78 -2.71
C LEU C 354 -4.19 -7.79 -3.85
N LYS C 355 -5.06 -8.79 -3.77
CA LYS C 355 -5.12 -9.80 -4.81
C LYS C 355 -6.57 -10.06 -5.22
N ILE C 356 -6.74 -10.36 -6.50
CA ILE C 356 -8.04 -10.65 -7.10
C ILE C 356 -8.01 -12.07 -7.63
N TRP C 357 -8.95 -12.88 -7.19
CA TRP C 357 -9.06 -14.29 -7.56
C TRP C 357 -10.38 -14.53 -8.29
N ASN C 358 -10.36 -15.50 -9.20
CA ASN C 358 -11.53 -15.77 -10.02
C ASN C 358 -11.65 -17.26 -10.33
N SER D 8 -28.49 1.51 40.13
CA SER D 8 -28.42 0.06 40.11
C SER D 8 -29.79 -0.54 39.86
N ILE D 9 -30.81 0.01 40.52
CA ILE D 9 -32.18 -0.48 40.34
C ILE D 9 -32.68 -0.16 38.94
N ALA D 10 -32.30 1.01 38.40
CA ALA D 10 -32.75 1.39 37.06
C ALA D 10 -32.20 0.44 36.01
N GLN D 11 -30.93 0.04 36.14
CA GLN D 11 -30.36 -0.90 35.18
C GLN D 11 -31.07 -2.24 35.23
N ALA D 12 -31.36 -2.74 36.43
CA ALA D 12 -32.08 -4.01 36.54
C ALA D 12 -33.47 -3.90 35.94
N ARG D 13 -34.16 -2.79 36.19
CA ARG D 13 -35.49 -2.59 35.63
C ARG D 13 -35.45 -2.57 34.10
N LYS D 14 -34.47 -1.87 33.53
CA LYS D 14 -34.33 -1.82 32.08
C LYS D 14 -34.04 -3.19 31.50
N LEU D 15 -33.15 -3.96 32.15
CA LEU D 15 -32.83 -5.30 31.67
C LEU D 15 -34.05 -6.21 31.72
N VAL D 16 -34.83 -6.14 32.81
CA VAL D 16 -36.02 -6.97 32.92
C VAL D 16 -37.03 -6.60 31.84
N GLU D 17 -37.25 -5.31 31.61
CA GLU D 17 -38.20 -4.90 30.58
C GLU D 17 -37.74 -5.35 29.20
N GLN D 18 -36.43 -5.26 28.92
CA GLN D 18 -35.93 -5.70 27.62
C GLN D 18 -36.10 -7.20 27.43
N LEU D 19 -35.80 -8.01 28.46
CA LEU D 19 -36.02 -9.44 28.36
C LEU D 19 -37.50 -9.76 28.18
N LYS D 20 -38.37 -9.02 28.86
CA LYS D 20 -39.80 -9.22 28.70
C LYS D 20 -40.23 -8.94 27.26
N MET D 21 -39.69 -7.88 26.67
CA MET D 21 -40.02 -7.57 25.28
C MET D 21 -39.46 -8.63 24.32
N GLU D 22 -38.32 -9.22 24.64
CA GLU D 22 -37.70 -10.22 23.78
C GLU D 22 -38.23 -11.63 23.98
N ALA D 23 -39.00 -11.89 25.03
CA ALA D 23 -39.50 -13.24 25.27
C ALA D 23 -40.86 -13.51 24.65
N ASN D 24 -41.46 -12.54 23.97
CA ASN D 24 -42.76 -12.70 23.32
C ASN D 24 -42.56 -12.45 21.83
N ILE D 25 -42.15 -13.50 21.11
CA ILE D 25 -41.91 -13.45 19.68
C ILE D 25 -42.40 -14.76 19.08
N ASP D 26 -42.91 -14.67 17.85
CA ASP D 26 -43.32 -15.87 17.13
C ASP D 26 -42.11 -16.59 16.57
N ARG D 27 -42.01 -17.89 16.82
CA ARG D 27 -40.90 -18.70 16.36
C ARG D 27 -41.39 -19.83 15.46
N ILE D 28 -40.56 -20.19 14.48
CA ILE D 28 -40.85 -21.26 13.55
C ILE D 28 -39.80 -22.36 13.71
N LYS D 29 -40.07 -23.51 13.10
CA LYS D 29 -39.22 -24.68 13.29
C LYS D 29 -37.94 -24.57 12.46
N VAL D 30 -36.93 -25.34 12.90
CA VAL D 30 -35.65 -25.38 12.18
C VAL D 30 -35.80 -26.08 10.83
N SER D 31 -36.72 -27.04 10.73
CA SER D 31 -36.91 -27.77 9.48
C SER D 31 -37.32 -26.84 8.35
N LYS D 32 -38.30 -25.96 8.60
CA LYS D 32 -38.78 -25.04 7.57
C LYS D 32 -37.71 -24.05 7.16
N ALA D 33 -36.94 -23.55 8.13
CA ALA D 33 -35.86 -22.62 7.83
C ALA D 33 -34.78 -23.28 6.97
N ALA D 34 -34.39 -24.50 7.33
CA ALA D 34 -33.41 -25.22 6.52
C ALA D 34 -33.92 -25.49 5.11
N ALA D 35 -35.19 -25.85 4.99
CA ALA D 35 -35.76 -26.07 3.66
C ALA D 35 -35.75 -24.80 2.83
N ASP D 36 -36.07 -23.66 3.45
CA ASP D 36 -36.05 -22.39 2.73
C ASP D 36 -34.63 -22.05 2.26
N LEU D 37 -33.63 -22.26 3.12
CA LEU D 37 -32.26 -22.00 2.73
C LEU D 37 -31.84 -22.87 1.55
N MET D 38 -32.15 -24.17 1.64
CA MET D 38 -31.78 -25.10 0.57
C MET D 38 -32.46 -24.73 -0.74
N ALA D 39 -33.74 -24.34 -0.68
CA ALA D 39 -34.46 -23.95 -1.88
C ALA D 39 -33.84 -22.70 -2.52
N TYR D 40 -33.48 -21.71 -1.71
CA TYR D 40 -32.85 -20.53 -2.27
C TYR D 40 -31.54 -20.87 -2.94
N CYS D 41 -30.72 -21.72 -2.33
CA CYS D 41 -29.47 -22.10 -2.97
C CYS D 41 -29.71 -22.87 -4.26
N GLU D 42 -30.74 -23.72 -4.29
CA GLU D 42 -31.00 -24.53 -5.48
C GLU D 42 -31.59 -23.73 -6.62
N ALA D 43 -32.26 -22.62 -6.34
CA ALA D 43 -32.89 -21.82 -7.39
C ALA D 43 -31.99 -20.77 -8.00
N HIS D 44 -30.75 -20.62 -7.52
CA HIS D 44 -29.84 -19.59 -8.00
C HIS D 44 -28.48 -20.17 -8.34
N ALA D 45 -28.43 -21.46 -8.70
CA ALA D 45 -27.15 -22.13 -8.89
C ALA D 45 -26.48 -21.72 -10.19
N LYS D 46 -27.26 -21.56 -11.27
CA LYS D 46 -26.68 -21.26 -12.57
C LYS D 46 -26.04 -19.88 -12.60
N GLU D 47 -26.66 -18.89 -11.95
CA GLU D 47 -26.12 -17.53 -11.92
C GLU D 47 -25.14 -17.33 -10.77
N ASP D 48 -24.16 -18.22 -10.65
CA ASP D 48 -23.10 -18.10 -9.66
C ASP D 48 -21.78 -18.45 -10.34
N PRO D 49 -21.03 -17.44 -10.79
CA PRO D 49 -19.78 -17.73 -11.51
C PRO D 49 -18.74 -18.48 -10.70
N LEU D 50 -18.70 -18.29 -9.38
CA LEU D 50 -17.66 -18.94 -8.58
C LEU D 50 -17.91 -20.43 -8.45
N LEU D 51 -19.18 -20.84 -8.32
CA LEU D 51 -19.50 -22.26 -8.21
C LEU D 51 -19.21 -22.99 -9.52
N THR D 52 -19.70 -22.45 -10.63
CA THR D 52 -19.52 -23.03 -11.95
C THR D 52 -18.73 -22.07 -12.82
N PRO D 53 -17.48 -22.39 -13.18
CA PRO D 53 -16.67 -21.44 -13.93
C PRO D 53 -17.28 -21.10 -15.28
N VAL D 54 -17.06 -19.86 -15.70
CA VAL D 54 -17.54 -19.36 -16.98
C VAL D 54 -16.44 -19.52 -18.03
N PRO D 55 -16.77 -19.60 -19.31
CA PRO D 55 -15.72 -19.73 -20.33
C PRO D 55 -14.86 -18.48 -20.40
N ALA D 56 -13.63 -18.66 -20.91
CA ALA D 56 -12.65 -17.58 -20.96
C ALA D 56 -13.06 -16.43 -21.86
N SER D 57 -14.06 -16.62 -22.71
CA SER D 57 -14.55 -15.52 -23.55
C SER D 57 -15.48 -14.57 -22.82
N GLU D 58 -16.00 -14.96 -21.66
CA GLU D 58 -16.90 -14.12 -20.88
C GLU D 58 -16.34 -13.80 -19.49
N ASN D 59 -15.02 -13.81 -19.35
CA ASN D 59 -14.36 -13.59 -18.06
C ASN D 59 -13.58 -12.29 -18.12
N PRO D 60 -14.04 -11.22 -17.47
CA PRO D 60 -13.32 -9.94 -17.53
C PRO D 60 -11.89 -10.01 -17.01
N PHE D 61 -11.62 -10.87 -16.03
CA PHE D 61 -10.29 -10.97 -15.42
C PHE D 61 -9.55 -12.12 -16.09
N ARG D 62 -9.05 -11.87 -17.30
CA ARG D 62 -8.30 -12.87 -18.05
C ARG D 62 -7.49 -12.21 -19.16
N VAL E 2 -14.81 29.07 -11.47
CA VAL E 2 -13.99 28.49 -12.53
C VAL E 2 -13.96 29.41 -13.72
N GLN E 3 -12.78 29.91 -14.09
CA GLN E 3 -12.70 30.74 -15.28
C GLN E 3 -11.30 30.65 -15.90
N LEU E 4 -11.27 30.93 -17.20
CA LEU E 4 -10.07 30.92 -18.03
C LEU E 4 -10.11 32.16 -18.90
N VAL E 5 -9.12 33.04 -18.77
CA VAL E 5 -9.07 34.27 -19.55
C VAL E 5 -7.77 34.30 -20.32
N GLU E 6 -7.86 34.47 -21.64
CA GLU E 6 -6.69 34.49 -22.50
C GLU E 6 -6.51 35.86 -23.14
N SER E 7 -5.27 36.16 -23.50
CA SER E 7 -4.89 37.47 -24.00
C SER E 7 -3.73 37.35 -24.97
N GLY E 8 -3.42 38.48 -25.61
CA GLY E 8 -2.53 38.55 -26.75
C GLY E 8 -3.26 39.28 -27.88
N GLY E 9 -3.35 38.66 -29.04
CA GLY E 9 -4.29 39.11 -30.07
C GLY E 9 -3.97 40.44 -30.71
N GLY E 10 -4.64 40.72 -31.84
CA GLY E 10 -4.42 41.96 -32.55
C GLY E 10 -4.07 41.71 -34.00
N LEU E 11 -3.53 42.74 -34.63
CA LEU E 11 -3.24 42.75 -36.07
C LEU E 11 -1.74 42.74 -36.28
N VAL E 12 -1.25 41.78 -37.05
CA VAL E 12 0.17 41.67 -37.35
C VAL E 12 0.38 41.46 -38.84
N GLN E 13 1.54 41.85 -39.33
CA GLN E 13 1.90 41.70 -40.72
C GLN E 13 2.39 40.29 -41.01
N PRO E 14 2.28 39.82 -42.25
CA PRO E 14 2.74 38.47 -42.57
C PRO E 14 4.23 38.30 -42.32
N GLY E 15 4.60 37.12 -41.85
CA GLY E 15 5.98 36.80 -41.54
C GLY E 15 6.37 37.01 -40.09
N GLY E 16 5.52 37.64 -39.29
CA GLY E 16 5.83 37.94 -37.91
C GLY E 16 5.64 36.77 -36.98
N SER E 17 5.86 37.04 -35.70
CA SER E 17 5.72 36.05 -34.64
C SER E 17 4.97 36.68 -33.46
N ARG E 18 4.18 35.88 -32.76
CA ARG E 18 3.50 36.42 -31.59
C ARG E 18 3.20 35.30 -30.59
N LYS E 19 3.03 35.72 -29.33
CA LYS E 19 2.78 34.83 -28.21
C LYS E 19 1.40 35.09 -27.64
N LEU E 20 0.68 34.03 -27.30
CA LEU E 20 -0.64 34.11 -26.73
C LEU E 20 -0.63 33.43 -25.37
N SER E 21 -1.30 34.04 -24.40
CA SER E 21 -1.27 33.57 -23.02
C SER E 21 -2.69 33.28 -22.54
N CYS E 22 -2.80 32.40 -21.55
CA CYS E 22 -4.08 32.14 -20.91
C CYS E 22 -3.87 31.86 -19.43
N SER E 23 -4.67 32.51 -18.59
CA SER E 23 -4.56 32.41 -17.14
C SER E 23 -5.84 31.80 -16.56
N ALA E 24 -5.67 30.85 -15.65
CA ALA E 24 -6.75 30.07 -15.08
C ALA E 24 -6.94 30.42 -13.62
N SER E 25 -8.19 30.42 -13.16
CA SER E 25 -8.45 30.63 -11.74
C SER E 25 -9.71 29.88 -11.33
N GLY E 26 -9.64 29.20 -10.19
CA GLY E 26 -10.79 28.55 -9.61
C GLY E 26 -10.76 27.04 -9.60
N PHE E 27 -9.69 26.41 -10.09
CA PHE E 27 -9.62 24.95 -10.11
C PHE E 27 -8.16 24.52 -10.02
N ALA E 28 -7.96 23.21 -9.95
CA ALA E 28 -6.63 22.61 -9.81
C ALA E 28 -6.00 22.48 -11.19
N PHE E 29 -5.15 23.45 -11.54
CA PHE E 29 -4.65 23.57 -12.90
C PHE E 29 -3.64 22.47 -13.23
N SER E 30 -2.88 22.01 -12.25
CA SER E 30 -1.79 21.08 -12.53
C SER E 30 -2.28 19.68 -12.91
N SER E 31 -3.51 19.32 -12.54
CA SER E 31 -4.04 18.00 -12.82
C SER E 31 -4.91 17.96 -14.08
N PHE E 32 -4.72 18.91 -14.99
CA PHE E 32 -5.53 19.01 -16.19
C PHE E 32 -4.62 19.08 -17.42
N GLY E 33 -5.13 18.59 -18.54
CA GLY E 33 -4.49 18.79 -19.83
C GLY E 33 -5.18 19.89 -20.61
N MET E 34 -4.46 20.47 -21.56
CA MET E 34 -4.92 21.68 -22.22
C MET E 34 -4.85 21.57 -23.73
N HIS E 35 -5.84 22.16 -24.40
CA HIS E 35 -5.96 22.19 -25.85
C HIS E 35 -6.14 23.63 -26.32
N TRP E 36 -5.58 23.92 -27.50
CA TRP E 36 -5.85 25.17 -28.22
C TRP E 36 -6.73 24.85 -29.42
N VAL E 37 -7.85 25.57 -29.57
CA VAL E 37 -8.80 25.31 -30.66
C VAL E 37 -9.15 26.64 -31.32
N ARG E 38 -9.08 26.70 -32.65
CA ARG E 38 -9.34 27.94 -33.36
C ARG E 38 -10.55 27.83 -34.28
N GLN E 39 -11.14 28.99 -34.57
CA GLN E 39 -12.29 29.09 -35.44
C GLN E 39 -12.10 30.24 -36.41
N ALA E 40 -12.32 29.98 -37.69
CA ALA E 40 -12.18 31.00 -38.72
C ALA E 40 -13.31 32.02 -38.61
N PRO E 41 -13.15 33.19 -39.25
CA PRO E 41 -14.19 34.23 -39.10
C PRO E 41 -15.61 33.79 -39.43
N GLU E 42 -15.80 32.93 -40.42
CA GLU E 42 -17.13 32.43 -40.72
C GLU E 42 -17.22 30.90 -40.83
N LYS E 43 -16.12 30.19 -40.66
CA LYS E 43 -16.08 28.74 -40.85
C LYS E 43 -16.29 28.03 -39.51
N GLY E 44 -16.03 26.74 -39.48
CA GLY E 44 -16.20 25.92 -38.29
C GLY E 44 -14.97 25.83 -37.43
N LEU E 45 -14.96 24.83 -36.55
CA LEU E 45 -13.91 24.65 -35.55
C LEU E 45 -12.75 23.85 -36.12
N GLU E 46 -11.59 23.93 -35.45
CA GLU E 46 -10.39 23.26 -35.90
C GLU E 46 -9.40 23.16 -34.74
N TRP E 47 -8.85 21.96 -34.54
CA TRP E 47 -7.97 21.67 -33.43
C TRP E 47 -6.52 22.02 -33.76
N VAL E 48 -5.79 22.53 -32.78
CA VAL E 48 -4.46 23.06 -33.04
C VAL E 48 -3.36 22.29 -32.30
N ALA E 49 -3.37 22.30 -30.97
CA ALA E 49 -2.29 21.67 -30.22
C ALA E 49 -2.78 21.20 -28.87
N TYR E 50 -2.06 20.23 -28.31
CA TYR E 50 -2.39 19.61 -27.03
C TYR E 50 -1.15 19.43 -26.17
N ILE E 51 -1.26 19.78 -24.89
CA ILE E 51 -0.22 19.53 -23.90
C ILE E 51 -0.85 18.81 -22.71
N SER E 52 -0.09 17.88 -22.12
CA SER E 52 -0.59 16.98 -21.10
C SER E 52 -0.23 17.44 -19.70
N SER E 53 -0.87 16.81 -18.72
CA SER E 53 -0.55 17.07 -17.32
C SER E 53 0.82 16.48 -17.00
N GLY E 54 1.67 17.29 -16.37
CA GLY E 54 3.04 16.91 -16.16
C GLY E 54 3.98 17.23 -17.30
N SER E 55 3.46 17.74 -18.42
CA SER E 55 4.26 18.21 -19.55
C SER E 55 5.06 17.08 -20.19
N GLY E 56 4.45 15.92 -20.35
CA GLY E 56 5.13 14.78 -20.90
C GLY E 56 4.78 14.45 -22.34
N THR E 57 3.57 14.78 -22.76
CA THR E 57 3.10 14.47 -24.11
C THR E 57 2.59 15.74 -24.78
N ILE E 58 3.04 15.98 -26.01
CA ILE E 58 2.70 17.16 -26.79
C ILE E 58 2.31 16.72 -28.19
N TYR E 59 1.24 17.30 -28.73
CA TYR E 59 0.77 16.96 -30.05
C TYR E 59 0.43 18.21 -30.85
N TYR E 60 0.74 18.18 -32.14
CA TYR E 60 0.50 19.29 -33.07
C TYR E 60 -0.27 18.80 -34.28
N ALA E 61 -1.01 19.72 -34.88
CA ALA E 61 -1.63 19.46 -36.17
C ALA E 61 -0.60 19.63 -37.28
N ASP E 62 -0.95 19.16 -38.47
CA ASP E 62 0.00 19.17 -39.58
C ASP E 62 0.12 20.53 -40.25
N THR E 63 -0.81 21.45 -40.01
CA THR E 63 -0.73 22.78 -40.60
C THR E 63 0.16 23.71 -39.81
N VAL E 64 0.54 23.36 -38.59
CA VAL E 64 1.32 24.23 -37.72
C VAL E 64 2.56 23.54 -37.16
N LYS E 65 2.85 22.30 -37.55
CA LYS E 65 3.99 21.59 -36.98
C LYS E 65 5.28 22.20 -37.50
N GLY E 66 6.14 22.60 -36.57
CA GLY E 66 7.37 23.28 -36.90
C GLY E 66 7.30 24.79 -36.81
N ARG E 67 6.10 25.36 -36.88
CA ARG E 67 5.90 26.79 -36.74
C ARG E 67 5.36 27.20 -35.36
N PHE E 68 4.60 26.34 -34.70
CA PHE E 68 3.99 26.65 -33.42
C PHE E 68 4.68 25.89 -32.30
N THR E 69 4.53 26.40 -31.08
CA THR E 69 5.04 25.75 -29.88
C THR E 69 4.07 25.99 -28.73
N ILE E 70 3.92 24.98 -27.87
CA ILE E 70 3.01 25.06 -26.73
C ILE E 70 3.81 24.82 -25.45
N SER E 71 3.42 25.51 -24.38
CA SER E 71 4.15 25.39 -23.11
C SER E 71 3.21 25.78 -21.97
N ARG E 72 3.61 25.45 -20.75
CA ARG E 72 2.82 25.81 -19.59
C ARG E 72 3.71 26.13 -18.40
N ASP E 73 3.16 26.92 -17.47
CA ASP E 73 3.81 27.34 -16.24
C ASP E 73 2.84 27.07 -15.10
N ASP E 74 3.05 25.95 -14.41
CA ASP E 74 2.11 25.55 -13.35
C ASP E 74 2.14 26.49 -12.15
N PRO E 75 3.30 26.89 -11.60
CA PRO E 75 3.26 27.73 -10.39
C PRO E 75 2.51 29.04 -10.56
N LYS E 76 2.58 29.66 -11.73
CA LYS E 76 1.84 30.88 -12.00
C LYS E 76 0.52 30.63 -12.75
N ASN E 77 0.20 29.36 -13.04
CA ASN E 77 -1.07 28.97 -13.64
C ASN E 77 -1.29 29.64 -15.00
N THR E 78 -0.38 29.40 -15.93
CA THR E 78 -0.46 30.04 -17.24
C THR E 78 -0.14 29.03 -18.33
N LEU E 79 -0.81 29.20 -19.48
CA LEU E 79 -0.57 28.40 -20.66
C LEU E 79 -0.18 29.31 -21.81
N PHE E 80 0.83 28.90 -22.58
CA PHE E 80 1.42 29.73 -23.63
C PHE E 80 1.39 29.00 -24.96
N LEU E 81 1.15 29.77 -26.03
CA LEU E 81 1.31 29.30 -27.39
C LEU E 81 2.09 30.33 -28.19
N GLN E 82 3.20 29.90 -28.78
CA GLN E 82 4.11 30.76 -29.52
C GLN E 82 4.01 30.44 -31.01
N MET E 83 3.93 31.49 -31.83
CA MET E 83 3.69 31.35 -33.27
C MET E 83 4.78 32.08 -34.03
N THR E 84 5.32 31.42 -35.05
CA THR E 84 6.36 31.98 -35.91
C THR E 84 5.97 31.75 -37.36
N SER E 85 6.35 32.68 -38.23
CA SER E 85 6.12 32.61 -39.68
C SER E 85 4.62 32.57 -39.98
N LEU E 86 3.97 33.69 -39.67
CA LEU E 86 2.52 33.78 -39.73
C LEU E 86 2.05 34.03 -41.16
N ARG E 87 1.27 33.10 -41.69
CA ARG E 87 0.62 33.29 -42.98
C ARG E 87 -0.73 33.97 -42.78
N SER E 88 -1.48 34.12 -43.87
CA SER E 88 -2.78 34.75 -43.82
C SER E 88 -3.90 33.77 -43.49
N GLU E 89 -3.60 32.48 -43.41
CA GLU E 89 -4.59 31.47 -43.05
C GLU E 89 -4.72 31.27 -41.56
N ASP E 90 -3.91 31.95 -40.76
CA ASP E 90 -3.96 31.85 -39.31
C ASP E 90 -4.82 32.94 -38.67
N THR E 91 -5.51 33.73 -39.48
CA THR E 91 -6.45 34.72 -38.97
C THR E 91 -7.68 34.01 -38.43
N ALA E 92 -7.92 34.12 -37.12
CA ALA E 92 -8.99 33.33 -36.51
C ALA E 92 -9.26 33.85 -35.10
N MET E 93 -10.09 33.11 -34.37
CA MET E 93 -10.27 33.30 -32.94
C MET E 93 -9.85 32.02 -32.22
N TYR E 94 -9.07 32.18 -31.16
CA TYR E 94 -8.45 31.07 -30.45
C TYR E 94 -9.10 30.92 -29.07
N TYR E 95 -9.39 29.67 -28.71
CA TYR E 95 -9.97 29.29 -27.42
C TYR E 95 -9.04 28.30 -26.73
N CYS E 96 -9.05 28.39 -25.39
CA CYS E 96 -8.35 27.45 -24.52
C CYS E 96 -9.35 26.50 -23.89
N VAL E 97 -9.02 25.20 -23.89
CA VAL E 97 -9.95 24.18 -23.40
C VAL E 97 -9.22 23.29 -22.41
N ARG E 98 -9.90 22.93 -21.31
CA ARG E 98 -9.37 22.02 -20.30
C ARG E 98 -9.98 20.63 -20.47
N SER E 99 -9.22 19.61 -20.08
CA SER E 99 -9.72 18.25 -20.12
C SER E 99 -8.95 17.37 -19.15
N ILE E 100 -9.64 16.37 -18.60
CA ILE E 100 -9.04 15.46 -17.62
C ILE E 100 -9.40 14.03 -18.03
N TYR E 101 -8.48 13.09 -17.78
CA TYR E 101 -8.62 11.72 -18.26
C TYR E 101 -8.40 10.73 -17.12
N TYR E 102 -9.48 10.10 -16.68
CA TYR E 102 -9.44 8.90 -15.86
C TYR E 102 -10.73 8.13 -16.14
N TYR E 103 -10.93 7.02 -15.44
CA TYR E 103 -12.11 6.21 -15.69
C TYR E 103 -13.37 6.94 -15.24
N GLY E 104 -14.20 7.35 -16.18
CA GLY E 104 -15.45 8.04 -15.90
C GLY E 104 -15.41 9.54 -16.04
N SER E 105 -14.30 10.13 -16.46
CA SER E 105 -14.19 11.58 -16.52
C SER E 105 -14.98 12.13 -17.71
N SER E 106 -15.13 13.46 -17.73
CA SER E 106 -15.84 14.18 -18.78
C SER E 106 -14.90 15.18 -19.42
N PRO E 107 -14.18 14.81 -20.48
CA PRO E 107 -13.27 15.74 -21.13
C PRO E 107 -14.01 16.87 -21.86
N PHE E 108 -13.28 17.97 -22.06
CA PHE E 108 -13.71 19.09 -22.90
C PHE E 108 -14.90 19.84 -22.31
N ASP E 109 -14.90 20.06 -20.99
CA ASP E 109 -16.09 20.52 -20.29
C ASP E 109 -16.04 21.98 -19.86
N PHE E 110 -15.02 22.74 -20.25
CA PHE E 110 -15.02 24.17 -20.00
C PHE E 110 -14.12 24.88 -21.01
N TRP E 111 -14.66 25.91 -21.65
CA TRP E 111 -13.95 26.68 -22.66
C TRP E 111 -13.80 28.12 -22.20
N GLY E 112 -12.74 28.78 -22.66
CA GLY E 112 -12.52 30.17 -22.35
C GLY E 112 -13.42 31.09 -23.16
N GLN E 113 -12.96 32.30 -23.45
CA GLN E 113 -13.73 33.25 -24.23
C GLN E 113 -13.12 33.56 -25.59
N GLY E 114 -11.81 33.43 -25.74
CA GLY E 114 -11.16 33.53 -27.03
C GLY E 114 -10.50 34.87 -27.24
N THR E 115 -9.46 34.86 -28.08
CA THR E 115 -8.80 36.07 -28.55
C THR E 115 -8.68 36.05 -30.06
N THR E 116 -8.72 37.24 -30.65
CA THR E 116 -8.78 37.39 -32.10
C THR E 116 -7.39 37.76 -32.64
N LEU E 117 -6.98 37.06 -33.70
CA LEU E 117 -5.72 37.33 -34.37
C LEU E 117 -6.00 37.57 -35.85
N THR E 118 -5.54 38.71 -36.36
CA THR E 118 -5.69 39.06 -37.77
C THR E 118 -4.32 39.27 -38.38
N VAL E 119 -4.11 38.66 -39.55
CA VAL E 119 -2.89 38.78 -40.32
C VAL E 119 -3.27 39.38 -41.67
N SER E 120 -2.66 40.50 -42.00
CA SER E 120 -2.99 41.18 -43.25
C SER E 120 -2.35 40.47 -44.45
N SER E 121 -2.87 40.78 -45.62
CA SER E 121 -2.36 40.19 -46.85
C SER E 121 -2.12 41.27 -47.89
N SER E 136 -5.31 9.58 -44.14
CA SER E 136 -5.24 8.76 -42.93
C SER E 136 -6.02 9.39 -41.78
N ASP E 137 -6.77 10.45 -42.08
CA ASP E 137 -7.54 11.18 -41.08
C ASP E 137 -9.01 10.85 -41.22
N ILE E 138 -9.69 10.68 -40.08
CA ILE E 138 -11.13 10.42 -40.10
C ILE E 138 -11.86 11.65 -40.60
N VAL E 139 -12.82 11.45 -41.49
CA VAL E 139 -13.65 12.52 -42.04
C VAL E 139 -15.02 12.44 -41.39
N MET E 140 -15.47 13.56 -40.82
CA MET E 140 -16.75 13.64 -40.12
C MET E 140 -17.68 14.48 -40.98
N THR E 141 -18.86 13.95 -41.29
CA THR E 141 -19.76 14.57 -42.26
C THR E 141 -21.11 14.90 -41.62
N GLN E 142 -21.58 16.12 -41.85
CA GLN E 142 -22.93 16.53 -41.47
C GLN E 142 -23.61 17.10 -42.71
N ALA E 143 -24.44 16.29 -43.35
CA ALA E 143 -24.96 16.60 -44.67
C ALA E 143 -26.03 17.68 -44.66
N THR E 144 -26.51 18.09 -43.50
CA THR E 144 -27.60 19.05 -43.41
C THR E 144 -27.07 20.42 -42.98
N SER E 145 -27.96 21.40 -43.00
CA SER E 145 -27.70 22.75 -42.53
C SER E 145 -29.01 23.52 -42.52
N SER E 146 -29.19 24.35 -41.49
CA SER E 146 -30.28 25.33 -41.41
C SER E 146 -31.65 24.65 -41.49
N VAL E 147 -31.96 23.91 -40.42
CA VAL E 147 -33.28 23.28 -40.26
C VAL E 147 -34.24 24.32 -39.67
N PRO E 148 -35.36 24.61 -40.32
CA PRO E 148 -36.37 25.49 -39.70
C PRO E 148 -37.15 24.76 -38.62
N VAL E 149 -37.25 25.37 -37.44
CA VAL E 149 -37.90 24.75 -36.30
C VAL E 149 -38.85 25.75 -35.65
N THR E 150 -39.88 25.21 -34.99
CA THR E 150 -40.81 25.97 -34.17
C THR E 150 -40.78 25.44 -32.73
N PRO E 151 -40.97 26.31 -31.74
CA PRO E 151 -40.94 25.84 -30.35
C PRO E 151 -42.03 24.82 -30.07
N GLY E 152 -41.69 23.85 -29.22
CA GLY E 152 -42.59 22.78 -28.85
C GLY E 152 -42.47 21.51 -29.67
N GLU E 153 -41.69 21.53 -30.75
CA GLU E 153 -41.56 20.37 -31.61
C GLU E 153 -40.37 19.51 -31.18
N SER E 154 -40.04 18.49 -31.97
CA SER E 154 -38.93 17.59 -31.69
C SER E 154 -38.00 17.54 -32.89
N VAL E 155 -36.69 17.54 -32.64
CA VAL E 155 -35.71 17.67 -33.70
C VAL E 155 -34.67 16.57 -33.59
N SER E 156 -34.15 16.14 -34.75
CA SER E 156 -33.07 15.16 -34.82
C SER E 156 -32.00 15.61 -35.79
N ILE E 157 -30.75 15.35 -35.43
CA ILE E 157 -29.58 15.68 -36.24
C ILE E 157 -28.75 14.41 -36.41
N SER E 158 -28.07 14.30 -37.55
CA SER E 158 -27.35 13.10 -37.92
C SER E 158 -25.89 13.40 -38.23
N CYS E 159 -25.04 12.38 -38.06
CA CYS E 159 -23.62 12.49 -38.33
C CYS E 159 -23.09 11.13 -38.79
N ARG E 160 -22.04 11.16 -39.59
CA ARG E 160 -21.47 9.96 -40.20
C ARG E 160 -19.95 10.05 -40.21
N SER E 161 -19.30 8.93 -39.88
CA SER E 161 -17.85 8.82 -39.86
C SER E 161 -17.37 7.93 -40.99
N SER E 162 -16.09 8.07 -41.34
CA SER E 162 -15.46 7.26 -42.36
C SER E 162 -14.72 6.06 -41.79
N LYS E 163 -14.79 5.86 -40.47
CA LYS E 163 -14.15 4.74 -39.80
C LYS E 163 -14.91 4.50 -38.51
N SER E 164 -15.03 3.23 -38.14
CA SER E 164 -15.79 2.89 -36.94
C SER E 164 -15.13 3.50 -35.71
N LEU E 165 -15.94 4.13 -34.87
CA LEU E 165 -15.48 4.75 -33.64
C LEU E 165 -15.67 3.85 -32.43
N LEU E 166 -16.04 2.59 -32.64
CA LEU E 166 -16.19 1.63 -31.56
C LEU E 166 -14.88 0.88 -31.37
N HIS E 167 -14.23 1.11 -30.24
CA HIS E 167 -13.01 0.41 -29.88
C HIS E 167 -13.35 -0.97 -29.32
N SER E 168 -12.32 -1.82 -29.23
CA SER E 168 -12.49 -3.18 -28.74
C SER E 168 -12.85 -3.24 -27.27
N ASN E 169 -12.71 -2.14 -26.52
CA ASN E 169 -13.05 -2.12 -25.10
C ASN E 169 -14.49 -1.72 -24.85
N GLY E 170 -15.31 -1.58 -25.89
CA GLY E 170 -16.71 -1.27 -25.74
C GLY E 170 -17.05 0.20 -25.65
N ASN E 171 -16.14 1.08 -26.03
CA ASN E 171 -16.35 2.52 -25.96
C ASN E 171 -16.58 3.08 -27.35
N THR E 172 -17.37 4.14 -27.43
CA THR E 172 -17.55 4.90 -28.66
C THR E 172 -17.24 6.36 -28.37
N TYR E 173 -16.33 6.94 -29.14
CA TYR E 173 -15.79 8.27 -28.89
C TYR E 173 -16.41 9.27 -29.85
N LEU E 174 -17.57 9.82 -29.48
CA LEU E 174 -18.26 10.83 -30.25
C LEU E 174 -18.77 11.91 -29.30
N TYR E 175 -18.52 13.17 -29.65
CA TYR E 175 -18.83 14.31 -28.80
C TYR E 175 -19.75 15.28 -29.52
N TRP E 176 -20.71 15.84 -28.78
CA TRP E 176 -21.64 16.85 -29.29
C TRP E 176 -21.42 18.17 -28.55
N PHE E 177 -21.44 19.27 -29.31
CA PHE E 177 -21.17 20.60 -28.79
C PHE E 177 -22.21 21.58 -29.31
N LEU E 178 -22.51 22.60 -28.51
CA LEU E 178 -23.48 23.63 -28.84
C LEU E 178 -22.83 25.00 -28.74
N GLN E 179 -22.98 25.82 -29.78
CA GLN E 179 -22.49 27.18 -29.77
C GLN E 179 -23.64 28.13 -30.08
N ARG E 180 -23.93 29.03 -29.16
CA ARG E 180 -24.96 30.05 -29.27
C ARG E 180 -24.35 31.35 -29.79
N PRO E 181 -25.16 32.21 -30.39
CA PRO E 181 -24.62 33.45 -30.98
C PRO E 181 -23.93 34.32 -29.94
N GLY E 182 -22.69 34.70 -30.23
CA GLY E 182 -21.92 35.53 -29.34
C GLY E 182 -21.28 34.82 -28.17
N GLN E 183 -21.34 33.50 -28.13
CA GLN E 183 -20.87 32.74 -26.98
C GLN E 183 -19.93 31.63 -27.40
N SER E 184 -19.13 31.16 -26.44
CA SER E 184 -18.23 30.04 -26.62
C SER E 184 -18.98 28.71 -26.55
N PRO E 185 -18.47 27.68 -27.21
CA PRO E 185 -19.18 26.39 -27.23
C PRO E 185 -19.26 25.74 -25.86
N GLN E 186 -20.30 24.92 -25.70
CA GLN E 186 -20.62 24.25 -24.45
C GLN E 186 -20.86 22.77 -24.73
N LEU E 187 -20.35 21.91 -23.85
CA LEU E 187 -20.46 20.47 -24.01
C LEU E 187 -21.86 19.99 -23.65
N LEU E 188 -22.39 19.08 -24.47
CA LEU E 188 -23.69 18.46 -24.22
C LEU E 188 -23.58 16.97 -23.96
N ILE E 189 -22.97 16.20 -24.86
CA ILE E 189 -22.81 14.75 -24.72
C ILE E 189 -21.36 14.41 -25.01
N TYR E 190 -20.70 13.73 -24.06
CA TYR E 190 -19.26 13.55 -24.22
C TYR E 190 -18.90 12.23 -24.90
N ARG E 191 -19.22 11.10 -24.27
CA ARG E 191 -19.06 9.81 -24.93
C ARG E 191 -20.45 9.32 -25.28
N MET E 192 -20.63 8.85 -26.51
CA MET E 192 -21.94 8.65 -27.12
C MET E 192 -22.92 8.09 -26.11
N SER E 193 -24.01 8.83 -25.88
CA SER E 193 -25.10 8.57 -24.94
C SER E 193 -24.86 9.00 -23.49
N ASN E 194 -23.84 9.81 -23.20
CA ASN E 194 -23.58 10.28 -21.84
C ASN E 194 -23.90 11.76 -21.74
N LEU E 195 -24.70 12.13 -20.73
CA LEU E 195 -25.16 13.50 -20.56
C LEU E 195 -24.24 14.27 -19.62
N ALA E 196 -24.01 15.53 -19.93
CA ALA E 196 -23.07 16.35 -19.19
C ALA E 196 -23.76 17.06 -18.03
N SER E 197 -22.95 17.55 -17.10
CA SER E 197 -23.46 18.19 -15.90
C SER E 197 -24.12 19.52 -16.23
N GLY E 198 -25.26 19.78 -15.59
CA GLY E 198 -25.96 21.03 -15.78
C GLY E 198 -26.71 21.17 -17.07
N VAL E 199 -27.05 20.06 -17.73
CA VAL E 199 -27.71 20.07 -19.02
C VAL E 199 -29.08 19.42 -18.84
N PRO E 200 -30.16 20.05 -19.29
CA PRO E 200 -31.49 19.46 -19.11
C PRO E 200 -31.65 18.16 -19.87
N ASP E 201 -32.56 17.32 -19.37
CA ASP E 201 -32.79 15.98 -19.88
C ASP E 201 -33.58 15.96 -21.18
N ARG E 202 -33.75 17.11 -21.82
CA ARG E 202 -34.34 17.13 -23.16
C ARG E 202 -33.44 16.43 -24.16
N PHE E 203 -32.13 16.56 -24.01
CA PHE E 203 -31.17 16.10 -24.99
C PHE E 203 -30.89 14.62 -24.81
N SER E 204 -30.79 13.90 -25.94
CA SER E 204 -30.38 12.50 -25.92
C SER E 204 -29.55 12.21 -27.15
N GLY E 205 -28.73 11.18 -27.06
CA GLY E 205 -27.86 10.81 -28.17
C GLY E 205 -27.79 9.30 -28.34
N SER E 206 -27.72 8.88 -29.61
CA SER E 206 -27.70 7.45 -29.91
C SER E 206 -26.96 7.24 -31.21
N GLY E 207 -26.78 5.99 -31.57
CA GLY E 207 -26.12 5.64 -32.82
C GLY E 207 -25.50 4.28 -32.74
N SER E 208 -24.80 3.92 -33.81
CA SER E 208 -24.10 2.64 -33.88
C SER E 208 -23.03 2.73 -34.96
N GLY E 209 -21.85 2.22 -34.63
CA GLY E 209 -20.81 2.08 -35.62
C GLY E 209 -20.37 3.38 -36.25
N THR E 210 -20.85 3.62 -37.46
CA THR E 210 -20.47 4.79 -38.24
C THR E 210 -21.59 5.82 -38.39
N ALA E 211 -22.76 5.59 -37.80
CA ALA E 211 -23.89 6.50 -37.97
C ALA E 211 -24.45 6.90 -36.61
N PHE E 212 -24.57 8.19 -36.37
CA PHE E 212 -24.97 8.70 -35.06
C PHE E 212 -26.05 9.76 -35.22
N THR E 213 -26.82 9.96 -34.14
CA THR E 213 -27.90 10.93 -34.14
C THR E 213 -28.05 11.55 -32.76
N LEU E 214 -28.54 12.79 -32.76
CA LEU E 214 -28.87 13.56 -31.56
C LEU E 214 -30.33 13.97 -31.63
N THR E 215 -31.01 13.94 -30.48
CA THR E 215 -32.45 14.19 -30.42
C THR E 215 -32.76 15.20 -29.33
N ILE E 216 -33.62 16.16 -29.67
CA ILE E 216 -34.18 17.14 -28.73
C ILE E 216 -35.68 16.94 -28.69
N SER E 217 -36.24 16.81 -27.48
CA SER E 217 -37.62 16.36 -27.32
C SER E 217 -38.62 17.48 -27.54
N ARG E 218 -38.60 18.51 -26.69
CA ARG E 218 -39.43 19.69 -26.91
C ARG E 218 -38.62 20.91 -26.51
N LEU E 219 -38.45 21.83 -27.46
CA LEU E 219 -37.34 22.77 -27.41
C LEU E 219 -37.85 24.18 -27.13
N GLU E 220 -37.17 24.85 -26.19
CA GLU E 220 -37.45 26.24 -25.88
C GLU E 220 -36.72 27.13 -26.87
N ALA E 221 -36.67 28.44 -26.61
CA ALA E 221 -36.10 29.39 -27.53
C ALA E 221 -34.63 29.71 -27.23
N GLU E 222 -34.03 29.03 -26.26
CA GLU E 222 -32.63 29.27 -25.93
C GLU E 222 -31.67 28.28 -26.58
N ASP E 223 -32.17 27.14 -27.06
CA ASP E 223 -31.33 26.12 -27.67
C ASP E 223 -31.32 26.26 -29.19
N VAL E 224 -30.95 27.46 -29.65
CA VAL E 224 -30.78 27.76 -31.06
C VAL E 224 -29.34 28.18 -31.29
N GLY E 225 -28.73 27.62 -32.34
CA GLY E 225 -27.33 27.91 -32.62
C GLY E 225 -26.74 26.93 -33.60
N VAL E 226 -25.48 26.54 -33.38
CA VAL E 226 -24.82 25.58 -34.26
C VAL E 226 -24.34 24.40 -33.43
N TYR E 227 -24.57 23.20 -33.93
CA TYR E 227 -24.26 21.95 -33.25
C TYR E 227 -23.12 21.24 -33.96
N TYR E 228 -22.09 20.88 -33.21
CA TYR E 228 -20.87 20.29 -33.75
C TYR E 228 -20.67 18.88 -33.20
N CYS E 229 -19.99 18.06 -34.00
CA CYS E 229 -19.63 16.70 -33.63
C CYS E 229 -18.12 16.54 -33.73
N MET E 230 -17.54 15.74 -32.83
CA MET E 230 -16.11 15.54 -32.81
C MET E 230 -15.79 14.09 -32.46
N GLN E 231 -14.68 13.59 -33.00
CA GLN E 231 -14.19 12.26 -32.66
C GLN E 231 -12.94 12.38 -31.79
N HIS E 232 -12.73 11.37 -30.95
CA HIS E 232 -11.58 11.32 -30.06
C HIS E 232 -10.92 9.95 -30.08
N LEU E 233 -11.02 9.24 -31.21
CA LEU E 233 -10.43 7.92 -31.32
C LEU E 233 -8.91 7.98 -31.45
N GLU E 234 -8.41 8.93 -32.24
CA GLU E 234 -6.98 9.06 -32.47
C GLU E 234 -6.70 10.48 -32.94
N TYR E 235 -5.47 10.90 -32.80
CA TYR E 235 -5.09 12.21 -33.26
C TYR E 235 -4.90 12.21 -34.78
N PRO E 236 -5.17 13.34 -35.46
CA PRO E 236 -5.38 14.71 -35.01
C PRO E 236 -6.81 15.25 -34.81
N LEU E 237 -7.70 14.52 -34.14
CA LEU E 237 -8.90 15.09 -33.51
C LEU E 237 -9.71 15.97 -34.47
N THR E 238 -10.32 15.32 -35.45
CA THR E 238 -11.09 16.02 -36.47
C THR E 238 -12.47 16.44 -35.96
N PHE E 239 -13.02 17.48 -36.58
CA PHE E 239 -14.34 18.02 -36.31
C PHE E 239 -15.26 17.76 -37.50
N GLY E 240 -16.48 18.29 -37.41
CA GLY E 240 -17.41 18.26 -38.52
C GLY E 240 -18.16 19.57 -38.64
N ALA E 241 -18.37 20.05 -39.86
CA ALA E 241 -19.09 21.31 -40.05
C ALA E 241 -20.49 21.21 -39.48
N GLY E 242 -20.88 22.22 -38.71
CA GLY E 242 -22.06 22.11 -37.89
C GLY E 242 -23.35 22.29 -38.65
N THR E 243 -24.45 22.08 -37.93
CA THR E 243 -25.80 22.28 -38.43
C THR E 243 -26.46 23.39 -37.63
N LYS E 244 -27.14 24.29 -38.34
CA LYS E 244 -27.75 25.44 -37.70
C LYS E 244 -29.25 25.20 -37.48
N LEU E 245 -29.75 25.66 -36.34
CA LEU E 245 -31.17 25.63 -36.03
C LEU E 245 -31.69 27.06 -36.04
N GLU E 246 -32.65 27.32 -36.92
CA GLU E 246 -33.20 28.66 -37.12
C GLU E 246 -34.65 28.69 -36.67
N LEU E 247 -35.07 29.84 -36.16
CA LEU E 247 -36.38 29.96 -35.52
C LEU E 247 -37.39 30.70 -36.40
C10 8IU F . 54.55 -12.87 -25.15
C13 8IU F . 55.35 -10.15 -25.41
C17 8IU F . 57.56 -14.78 -20.48
C21 8IU F . 53.06 -13.70 -18.51
C22 8IU F . 51.58 -14.06 -18.16
C01 8IU F . 49.46 -12.03 -17.82
C03 8IU F . 50.75 -13.46 -19.33
C04 8IU F . 51.55 -13.50 -20.38
C06 8IU F . 54.26 -13.63 -20.65
C07 8IU F . 54.16 -12.99 -21.87
C08 8IU F . 55.22 -12.93 -22.70
C09 8IU F . 55.07 -12.21 -24.04
C11 8IU F . 54.42 -12.18 -26.39
C12 8IU F . 54.82 -10.82 -26.50
C14 8IU F . 55.49 -10.84 -24.17
C16 8IU F . 56.49 -14.12 -21.10
C18 8IU F . 57.10 -15.25 -19.22
C23 8IU F . 49.58 -11.41 -20.15
N02 8IU F . 50.34 -12.00 -18.99
N05 8IU F . 53.10 -13.63 -19.83
N15 8IU F . 56.39 -13.49 -22.33
N19 8IU F . 55.83 -14.89 -19.10
N20 8IU F . 55.45 -14.18 -20.30
#